data_8GMG
#
_entry.id   8GMG
#
_cell.length_a   1.00
_cell.length_b   1.00
_cell.length_c   1.00
_cell.angle_alpha   90.00
_cell.angle_beta   90.00
_cell.angle_gamma   90.00
#
_symmetry.space_group_name_H-M   'P 1'
#
_entity_poly.entity_id   1
_entity_poly.type   'polypeptide(L)'
_entity_poly.pdbx_seq_one_letter_code
;MDLEGDRNGGAKKKNFFKLNNKSEKDKKEKKPTVSVFSMFRYSNWLDKLYMVVGTLAAIIHGAGLPLMMLVFGEMTDIFA
NAGNLEDLMSNITNRSDINDTGFFMNLEEDMTRYAYYYSGIGAGVLVAAYIQVSFWCLAAGRQIHKIRKQFFHAIMRQEI
GWFDVHDVGELNTRLTDDVSKINEGIGDKIGMFFQSMATFFTGFIVGFTRGWKLTLVILAISPVLGLSAAVWAKILSSFT
DKELLAYAKAGAVAEEVLAAIRTVIAFGGQKKELERYNKNLEEAKRIGIKKAITANISIGAAFLLIYASYALAFWYGTTL
VLSGEYSIGQVLTVFFSVLIGAFSVGQASPSIEAFANARGAAYEIFKIIDNKPSIDSYSKSGHKPDNIKGNLEFRNVHFS
YPSRKEVKILKGLNLKVQSGQTVALVGNSGCGKSTTVQLMQRLYDPTEGMVSVDGQDIRTINVRFLREIIGVVSQEPVLF
ATTIAENIRYGRENVTMDEIEKAVKEANAYDFIMKLPHKFDTLVGERGAQLSGGQKQRIAIARALVRNPKILLLDEATSA
LDTESEAVVQVALDKARKGRTTIVIAHRLSTVRNADVIAGFDDGVIVEKGNHDELMKEKGIYFKLVTMQTAGNEVELENA
ADESKSEIDALEMSSNDSRSSLIRKRSTRRSVRGSQAQDRKLSTKEALDESIPPVSFWRIMKLNLTEWPYFVVGVFCAII
NGGLQPAFAIIFSKIIGVFTRIDDPETKRQNSNLFSLLFLALGIISFITFFLQGFTFGKAGEILTKRLRYMVFRSMLRQD
VSWFDDPKNTTGALTTRLANDAAQVKGAIGSRLAVITQNIANLGTGIIISFIYGWQLTLLLLAIVPIIAIAGVVEMKMLS
GQALKDKKELEGSGKIATEAIENFRTVVSLTQEQKFEHMYAQSLQVPYRNSLRKAHIFGITFSFTQAMMYFSYAGCFRFG
AYLVAHKLMSFEDVLLVFSAVVFGAMAVGQVSSFAPDYAKAKISAAHIIMIIEKTPLIDSYSTEGLMPNTLEGNVTFGEV
VFNYPTRPDIPVLQGLSLEVKKGQTLALVGSSGCGKSTVVQLLERFYDPLAGKVLLDGKEIKRLNVQWLRAHLGIVSQEP
ILFDCSIAENIAYGDNSRVVSQEEIVRAAKEANIHAFIESLPNKYSTKVGDKGTQLSGGQKQRIAIARALVRQPHILLLD
EATSALDTESEKVVQEALDKAREGRTCIVIAHRLSTIQNADLIVVFQNGRVKEHGTHQQLLAQKGIYFSMVSVQAGTKRQ
;
_entity_poly.pdbx_strand_id   A
#
# COMPACT_ATOMS: atom_id res chain seq x y z
N SER A 38 -13.23 -10.83 -23.26
CA SER A 38 -13.13 -11.70 -22.10
C SER A 38 -12.89 -13.15 -22.53
N MET A 39 -11.93 -13.33 -23.44
CA MET A 39 -11.53 -14.66 -23.88
C MET A 39 -10.05 -14.87 -23.62
N PHE A 40 -9.57 -14.47 -22.44
CA PHE A 40 -8.17 -14.62 -22.07
C PHE A 40 -7.95 -15.94 -21.34
N ARG A 41 -8.29 -17.03 -22.02
CA ARG A 41 -8.14 -18.39 -21.51
C ARG A 41 -7.56 -19.30 -22.58
N TYR A 42 -6.53 -18.83 -23.29
CA TYR A 42 -5.95 -19.64 -24.36
C TYR A 42 -5.27 -20.87 -23.77
N SER A 43 -5.89 -22.03 -23.96
CA SER A 43 -5.41 -23.27 -23.37
C SER A 43 -4.25 -23.84 -24.19
N ASN A 44 -3.83 -25.06 -23.82
CA ASN A 44 -2.73 -25.75 -24.47
C ASN A 44 -3.19 -26.98 -25.25
N TRP A 45 -4.50 -27.14 -25.46
CA TRP A 45 -5.12 -28.27 -26.12
C TRP A 45 -5.08 -29.53 -25.28
N LEU A 46 -4.46 -29.50 -24.09
CA LEU A 46 -4.53 -30.58 -23.13
C LEU A 46 -4.99 -30.11 -21.76
N ASP A 47 -4.96 -28.80 -21.50
CA ASP A 47 -5.53 -28.24 -20.29
C ASP A 47 -6.95 -27.74 -20.48
N LYS A 48 -7.39 -27.55 -21.72
CA LYS A 48 -8.77 -27.16 -21.96
C LYS A 48 -9.74 -28.24 -21.48
N LEU A 49 -9.41 -29.50 -21.77
CA LEU A 49 -10.23 -30.61 -21.28
C LEU A 49 -10.39 -30.55 -19.77
N TYR A 50 -9.36 -30.09 -19.06
CA TYR A 50 -9.47 -29.94 -17.62
C TYR A 50 -10.61 -28.98 -17.28
N MET A 51 -10.64 -27.83 -17.96
CA MET A 51 -11.69 -26.85 -17.70
C MET A 51 -13.06 -27.39 -18.07
N VAL A 52 -13.17 -28.09 -19.20
CA VAL A 52 -14.46 -28.61 -19.63
C VAL A 52 -14.98 -29.63 -18.63
N VAL A 53 -14.13 -30.56 -18.22
CA VAL A 53 -14.52 -31.56 -17.25
C VAL A 53 -14.92 -30.90 -15.94
N GLY A 54 -14.14 -29.90 -15.50
CA GLY A 54 -14.49 -29.20 -14.28
C GLY A 54 -15.84 -28.52 -14.38
N THR A 55 -16.12 -27.88 -15.50
CA THR A 55 -17.41 -27.21 -15.68
C THR A 55 -18.55 -28.22 -15.62
N LEU A 56 -18.42 -29.34 -16.33
CA LEU A 56 -19.50 -30.33 -16.32
C LEU A 56 -19.72 -30.90 -14.93
N ALA A 57 -18.62 -31.24 -14.24
CA ALA A 57 -18.76 -31.78 -12.89
C ALA A 57 -19.36 -30.76 -11.95
N ALA A 58 -18.98 -29.49 -12.09
CA ALA A 58 -19.55 -28.45 -11.26
C ALA A 58 -21.04 -28.30 -11.53
N ILE A 59 -21.45 -28.43 -12.79
CA ILE A 59 -22.87 -28.35 -13.11
C ILE A 59 -23.63 -29.48 -12.43
N ILE A 60 -23.09 -30.70 -12.49
CA ILE A 60 -23.74 -31.82 -11.83
C ILE A 60 -23.82 -31.58 -10.32
N HIS A 61 -22.70 -31.14 -9.73
CA HIS A 61 -22.68 -30.81 -8.32
C HIS A 61 -23.78 -29.81 -7.97
N GLY A 62 -23.86 -28.73 -8.74
CA GLY A 62 -24.86 -27.72 -8.45
C GLY A 62 -26.27 -28.27 -8.53
N ALA A 63 -26.55 -29.09 -9.55
CA ALA A 63 -27.84 -29.75 -9.61
C ALA A 63 -28.07 -30.65 -8.41
N GLY A 64 -26.99 -31.10 -7.76
CA GLY A 64 -27.11 -31.98 -6.61
C GLY A 64 -28.12 -31.56 -5.56
N LEU A 65 -27.88 -30.44 -4.88
CA LEU A 65 -28.67 -30.12 -3.69
C LEU A 65 -30.17 -30.11 -3.95
N PRO A 66 -30.68 -29.47 -5.00
CA PRO A 66 -32.13 -29.56 -5.26
C PRO A 66 -32.62 -30.99 -5.36
N LEU A 67 -31.80 -31.90 -5.90
CA LEU A 67 -32.16 -33.31 -5.88
C LEU A 67 -32.30 -33.81 -4.45
N MET A 68 -31.40 -33.36 -3.56
CA MET A 68 -31.52 -33.71 -2.16
C MET A 68 -32.84 -33.21 -1.58
N MET A 69 -33.23 -31.99 -1.93
CA MET A 69 -34.49 -31.45 -1.44
C MET A 69 -35.67 -32.27 -1.95
N LEU A 70 -35.63 -32.67 -3.22
CA LEU A 70 -36.71 -33.50 -3.76
C LEU A 70 -36.79 -34.84 -3.04
N VAL A 71 -35.64 -35.46 -2.78
CA VAL A 71 -35.62 -36.72 -2.06
C VAL A 71 -36.17 -36.53 -0.66
N PHE A 72 -35.82 -35.42 -0.01
CA PHE A 72 -36.34 -35.13 1.32
C PHE A 72 -37.86 -35.00 1.30
N GLY A 73 -38.38 -34.30 0.31
CA GLY A 73 -39.83 -34.17 0.20
C GLY A 73 -40.51 -35.51 -0.02
N GLU A 74 -39.92 -36.35 -0.87
CA GLU A 74 -40.47 -37.68 -1.09
C GLU A 74 -40.47 -38.48 0.21
N MET A 75 -39.39 -38.39 0.98
CA MET A 75 -39.31 -39.10 2.25
C MET A 75 -40.38 -38.64 3.22
N THR A 76 -40.57 -37.32 3.32
CA THR A 76 -41.59 -36.79 4.21
C THR A 76 -42.98 -37.25 3.79
N ASP A 77 -43.26 -37.20 2.48
CA ASP A 77 -44.55 -37.67 2.00
C ASP A 77 -44.73 -39.16 2.29
N ILE A 78 -43.65 -39.93 2.17
CA ILE A 78 -43.72 -41.35 2.44
C ILE A 78 -44.11 -41.58 3.89
N PHE A 79 -43.48 -40.85 4.81
CA PHE A 79 -43.86 -40.98 6.21
C PHE A 79 -45.33 -40.63 6.39
N ALA A 80 -45.76 -39.49 5.84
CA ALA A 80 -47.14 -39.05 6.06
C ALA A 80 -48.11 -40.10 5.56
N ASN A 81 -47.80 -40.72 4.43
CA ASN A 81 -48.57 -41.90 4.01
C ASN A 81 -48.54 -42.96 5.10
N ALA A 82 -47.39 -43.16 5.72
CA ALA A 82 -47.31 -44.07 6.86
C ALA A 82 -48.11 -43.54 8.04
N GLY A 83 -48.04 -42.23 8.29
CA GLY A 83 -48.77 -41.63 9.39
C GLY A 83 -50.26 -41.60 9.18
N MET A 105 -40.20 -53.51 9.56
CA MET A 105 -41.46 -52.85 9.22
C MET A 105 -41.34 -52.10 7.90
N ASN A 106 -42.48 -51.72 7.32
CA ASN A 106 -42.46 -51.00 6.06
C ASN A 106 -41.74 -49.66 6.20
N LEU A 107 -41.98 -48.96 7.31
CA LEU A 107 -41.35 -47.66 7.50
C LEU A 107 -39.84 -47.77 7.50
N GLU A 108 -39.30 -48.76 8.22
CA GLU A 108 -37.85 -48.92 8.28
C GLU A 108 -37.27 -49.22 6.90
N GLU A 109 -37.92 -50.11 6.15
CA GLU A 109 -37.42 -50.46 4.82
C GLU A 109 -37.43 -49.25 3.90
N ASP A 110 -38.53 -48.50 3.89
CA ASP A 110 -38.60 -47.31 3.04
C ASP A 110 -37.55 -46.29 3.45
N MET A 111 -37.36 -46.10 4.76
CA MET A 111 -36.37 -45.14 5.23
C MET A 111 -34.96 -45.55 4.79
N THR A 112 -34.66 -46.85 4.89
CA THR A 112 -33.33 -47.30 4.46
C THR A 112 -33.15 -47.14 2.96
N ARG A 113 -34.20 -47.42 2.17
CA ARG A 113 -34.09 -47.21 0.73
C ARG A 113 -33.82 -45.76 0.40
N TYR A 114 -34.56 -44.84 1.04
CA TYR A 114 -34.35 -43.43 0.80
C TYR A 114 -32.97 -42.99 1.25
N ALA A 115 -32.50 -43.51 2.38
CA ALA A 115 -31.17 -43.16 2.85
C ALA A 115 -30.09 -43.69 1.92
N TYR A 116 -30.34 -44.83 1.26
CA TYR A 116 -29.35 -45.34 0.31
C TYR A 116 -29.35 -44.50 -0.97
N TYR A 117 -30.52 -44.07 -1.44
CA TYR A 117 -30.55 -43.05 -2.47
C TYR A 117 -29.71 -41.84 -2.05
N TYR A 118 -29.91 -41.39 -0.81
CA TYR A 118 -29.20 -40.22 -0.33
C TYR A 118 -27.69 -40.45 -0.34
N SER A 119 -27.25 -41.60 0.14
CA SER A 119 -25.83 -41.89 0.18
C SER A 119 -25.24 -41.98 -1.22
N GLY A 120 -25.99 -42.58 -2.14
CA GLY A 120 -25.50 -42.64 -3.52
C GLY A 120 -25.31 -41.26 -4.12
N ILE A 121 -26.31 -40.39 -3.95
CA ILE A 121 -26.14 -39.04 -4.47
C ILE A 121 -25.05 -38.30 -3.70
N GLY A 122 -24.85 -38.63 -2.43
CA GLY A 122 -23.75 -38.00 -1.69
C GLY A 122 -22.40 -38.37 -2.26
N ALA A 123 -22.21 -39.65 -2.60
CA ALA A 123 -20.97 -40.07 -3.24
C ALA A 123 -20.81 -39.38 -4.59
N GLY A 124 -21.88 -39.34 -5.39
CA GLY A 124 -21.80 -38.63 -6.65
C GLY A 124 -21.41 -37.17 -6.48
N VAL A 125 -21.97 -36.52 -5.45
CA VAL A 125 -21.66 -35.13 -5.19
C VAL A 125 -20.21 -34.97 -4.79
N LEU A 126 -19.70 -35.87 -3.94
CA LEU A 126 -18.29 -35.80 -3.56
C LEU A 126 -17.41 -35.90 -4.81
N VAL A 127 -17.69 -36.87 -5.66
CA VAL A 127 -16.87 -37.07 -6.85
C VAL A 127 -16.92 -35.83 -7.74
N ALA A 128 -18.13 -35.32 -7.99
CA ALA A 128 -18.26 -34.16 -8.88
C ALA A 128 -17.56 -32.94 -8.30
N ALA A 129 -17.73 -32.69 -7.00
CA ALA A 129 -17.10 -31.53 -6.38
C ALA A 129 -15.59 -31.61 -6.50
N TYR A 130 -15.01 -32.75 -6.11
CA TYR A 130 -13.57 -32.90 -6.22
C TYR A 130 -13.09 -32.69 -7.65
N ILE A 131 -13.75 -33.36 -8.60
CA ILE A 131 -13.31 -33.26 -9.99
C ILE A 131 -13.33 -31.80 -10.44
N GLN A 132 -14.46 -31.12 -10.23
CA GLN A 132 -14.60 -29.76 -10.72
C GLN A 132 -13.59 -28.83 -10.08
N VAL A 133 -13.52 -28.82 -8.75
CA VAL A 133 -12.67 -27.87 -8.05
C VAL A 133 -11.21 -28.12 -8.41
N SER A 134 -10.78 -29.38 -8.38
CA SER A 134 -9.38 -29.68 -8.68
C SER A 134 -9.04 -29.30 -10.11
N PHE A 135 -9.90 -29.66 -11.06
CA PHE A 135 -9.62 -29.35 -12.46
C PHE A 135 -9.50 -27.85 -12.67
N TRP A 136 -10.44 -27.08 -12.11
CA TRP A 136 -10.39 -25.63 -12.30
C TRP A 136 -9.13 -25.06 -11.69
N CYS A 137 -8.83 -25.45 -10.45
CA CYS A 137 -7.65 -24.89 -9.78
C CYS A 137 -6.37 -25.22 -10.54
N LEU A 138 -6.23 -26.45 -11.02
CA LEU A 138 -4.99 -26.84 -11.69
C LEU A 138 -4.90 -26.23 -13.08
N ALA A 139 -6.03 -26.10 -13.79
CA ALA A 139 -6.00 -25.40 -15.06
C ALA A 139 -5.59 -23.96 -14.89
N ALA A 140 -6.12 -23.30 -13.85
CA ALA A 140 -5.74 -21.93 -13.59
C ALA A 140 -4.27 -21.83 -13.20
N GLY A 141 -3.76 -22.80 -12.43
CA GLY A 141 -2.35 -22.81 -12.12
C GLY A 141 -1.49 -22.88 -13.36
N ARG A 142 -1.83 -23.82 -14.27
CA ARG A 142 -1.12 -23.92 -15.53
C ARG A 142 -1.14 -22.59 -16.27
N GLN A 143 -2.33 -22.01 -16.42
CA GLN A 143 -2.47 -20.78 -17.18
C GLN A 143 -1.68 -19.65 -16.56
N ILE A 144 -1.76 -19.49 -15.24
CA ILE A 144 -1.09 -18.38 -14.59
C ILE A 144 0.42 -18.54 -14.67
N HIS A 145 0.92 -19.77 -14.56
CA HIS A 145 2.36 -19.97 -14.70
C HIS A 145 2.82 -19.62 -16.11
N LYS A 146 2.10 -20.11 -17.12
CA LYS A 146 2.46 -19.77 -18.49
C LYS A 146 2.43 -18.25 -18.69
N ILE A 147 1.44 -17.58 -18.10
CA ILE A 147 1.33 -16.14 -18.25
C ILE A 147 2.49 -15.44 -17.58
N ARG A 148 2.86 -15.86 -16.37
CA ARG A 148 4.01 -15.26 -15.71
C ARG A 148 5.26 -15.40 -16.57
N LYS A 149 5.50 -16.60 -17.09
CA LYS A 149 6.69 -16.83 -17.90
C LYS A 149 6.70 -15.93 -19.12
N GLN A 150 5.60 -15.93 -19.88
CA GLN A 150 5.54 -15.12 -21.09
C GLN A 150 5.65 -13.64 -20.77
N PHE A 151 5.03 -13.21 -19.67
CA PHE A 151 5.07 -11.81 -19.29
C PHE A 151 6.49 -11.36 -18.99
N PHE A 152 7.23 -12.16 -18.21
CA PHE A 152 8.61 -11.80 -17.95
C PHE A 152 9.43 -11.83 -19.23
N HIS A 153 9.18 -12.82 -20.09
CA HIS A 153 9.85 -12.86 -21.38
C HIS A 153 9.66 -11.55 -22.12
N ALA A 154 8.42 -11.09 -22.23
CA ALA A 154 8.12 -9.89 -23.00
C ALA A 154 8.75 -8.66 -22.36
N ILE A 155 8.56 -8.47 -21.05
CA ILE A 155 9.11 -7.29 -20.40
C ILE A 155 10.60 -7.24 -20.58
N MET A 156 11.27 -8.39 -20.48
CA MET A 156 12.70 -8.42 -20.75
C MET A 156 13.00 -8.05 -22.19
N ARG A 157 12.20 -8.54 -23.14
CA ARG A 157 12.44 -8.30 -24.55
C ARG A 157 12.01 -6.91 -25.01
N GLN A 158 11.25 -6.19 -24.20
CA GLN A 158 10.78 -4.87 -24.63
C GLN A 158 11.95 -3.93 -24.88
N GLU A 159 11.79 -3.07 -25.87
CA GLU A 159 12.84 -2.11 -26.23
C GLU A 159 13.11 -1.16 -25.07
N ILE A 160 14.38 -0.77 -24.95
CA ILE A 160 14.79 0.02 -23.80
C ILE A 160 14.03 1.35 -23.76
N GLY A 161 13.82 1.96 -24.93
CA GLY A 161 13.10 3.22 -24.95
C GLY A 161 11.70 3.11 -24.38
N TRP A 162 10.99 2.05 -24.77
CA TRP A 162 9.66 1.82 -24.22
C TRP A 162 9.71 1.74 -22.69
N PHE A 163 10.78 1.15 -22.16
CA PHE A 163 10.92 1.06 -20.71
C PHE A 163 11.18 2.43 -20.09
N ASP A 164 12.11 3.18 -20.66
CA ASP A 164 12.39 4.51 -20.14
C ASP A 164 11.13 5.37 -20.12
N VAL A 165 10.29 5.23 -21.15
CA VAL A 165 9.03 5.98 -21.17
C VAL A 165 8.14 5.55 -20.02
N HIS A 166 7.95 4.25 -19.87
CA HIS A 166 7.09 3.72 -18.82
C HIS A 166 7.77 3.81 -17.46
N ASP A 167 6.96 3.84 -16.42
CA ASP A 167 7.48 3.73 -15.07
C ASP A 167 7.88 2.29 -14.77
N VAL A 168 8.83 2.14 -13.85
CA VAL A 168 9.31 0.83 -13.44
C VAL A 168 8.52 0.30 -12.23
N GLY A 169 8.25 1.17 -11.26
CA GLY A 169 7.51 0.74 -10.09
C GLY A 169 6.19 0.09 -10.45
N GLU A 170 5.45 0.70 -11.39
CA GLU A 170 4.23 0.09 -11.89
C GLU A 170 4.52 -1.26 -12.55
N LEU A 171 5.59 -1.32 -13.34
CA LEU A 171 5.93 -2.56 -14.01
C LEU A 171 6.20 -3.68 -13.01
N ASN A 172 7.08 -3.42 -12.05
CA ASN A 172 7.40 -4.45 -11.05
C ASN A 172 6.17 -4.81 -10.23
N THR A 173 5.38 -3.81 -9.84
CA THR A 173 4.21 -4.08 -9.01
C THR A 173 3.21 -4.96 -9.75
N ARG A 174 2.98 -4.68 -11.03
CA ARG A 174 2.02 -5.46 -11.82
C ARG A 174 2.61 -6.79 -12.29
N LEU A 175 3.93 -6.95 -12.21
CA LEU A 175 4.51 -8.25 -12.55
C LEU A 175 4.12 -9.32 -11.53
N THR A 176 3.75 -8.90 -10.32
CA THR A 176 3.35 -9.84 -9.27
C THR A 176 1.89 -9.67 -8.87
N ASP A 177 1.49 -8.45 -8.48
CA ASP A 177 0.13 -8.25 -7.98
C ASP A 177 -0.91 -8.50 -9.06
N ASP A 178 -0.65 -8.03 -10.29
CA ASP A 178 -1.60 -8.26 -11.37
C ASP A 178 -1.75 -9.74 -11.66
N VAL A 179 -0.64 -10.47 -11.69
CA VAL A 179 -0.71 -11.92 -11.90
C VAL A 179 -1.50 -12.58 -10.79
N SER A 180 -1.24 -12.18 -9.55
CA SER A 180 -1.99 -12.74 -8.43
C SER A 180 -3.48 -12.47 -8.58
N LYS A 181 -3.83 -11.26 -8.98
CA LYS A 181 -5.25 -10.92 -9.14
C LYS A 181 -5.90 -11.78 -10.21
N ILE A 182 -5.28 -11.86 -11.39
CA ILE A 182 -5.88 -12.65 -12.46
C ILE A 182 -6.00 -14.10 -12.03
N ASN A 183 -5.02 -14.61 -11.29
CA ASN A 183 -5.11 -15.97 -10.79
C ASN A 183 -6.30 -16.13 -9.85
N GLU A 184 -6.45 -15.20 -8.90
CA GLU A 184 -7.55 -15.29 -7.95
C GLU A 184 -8.91 -15.10 -8.61
N GLY A 185 -8.95 -14.53 -9.80
CA GLY A 185 -10.21 -14.27 -10.47
C GLY A 185 -10.57 -15.29 -11.52
N ILE A 186 -9.62 -16.15 -11.89
CA ILE A 186 -9.86 -17.20 -12.86
C ILE A 186 -9.60 -18.59 -12.27
N GLY A 187 -9.30 -18.67 -10.97
CA GLY A 187 -8.94 -19.93 -10.37
C GLY A 187 -10.08 -20.92 -10.24
N ASP A 188 -11.02 -20.62 -9.35
CA ASP A 188 -12.19 -21.48 -9.15
C ASP A 188 -13.48 -20.71 -9.03
N LYS A 189 -13.45 -19.39 -8.78
CA LYS A 189 -14.69 -18.64 -8.62
C LYS A 189 -15.58 -18.81 -9.84
N ILE A 190 -14.98 -19.01 -11.01
CA ILE A 190 -15.77 -19.42 -12.17
C ILE A 190 -16.43 -20.77 -11.91
N GLY A 191 -15.69 -21.69 -11.28
CA GLY A 191 -16.29 -22.96 -10.92
C GLY A 191 -17.47 -22.79 -9.98
N MET A 192 -17.30 -21.97 -8.94
CA MET A 192 -18.39 -21.77 -8.00
C MET A 192 -19.56 -21.06 -8.66
N PHE A 193 -19.30 -20.18 -9.62
CA PHE A 193 -20.39 -19.51 -10.31
C PHE A 193 -21.19 -20.49 -11.16
N PHE A 194 -20.50 -21.35 -11.90
CA PHE A 194 -21.20 -22.43 -12.60
C PHE A 194 -21.99 -23.28 -11.62
N GLN A 195 -21.40 -23.57 -10.45
CA GLN A 195 -22.12 -24.38 -9.46
C GLN A 195 -23.42 -23.70 -9.04
N SER A 196 -23.35 -22.40 -8.72
CA SER A 196 -24.54 -21.69 -8.28
C SER A 196 -25.59 -21.65 -9.37
N MET A 197 -25.18 -21.36 -10.60
CA MET A 197 -26.15 -21.29 -11.70
C MET A 197 -26.78 -22.65 -11.94
N ALA A 198 -25.99 -23.72 -11.85
CA ALA A 198 -26.55 -25.05 -11.99
C ALA A 198 -27.55 -25.35 -10.90
N THR A 199 -27.24 -24.95 -9.65
CA THR A 199 -28.19 -25.12 -8.57
C THR A 199 -29.51 -24.43 -8.89
N PHE A 200 -29.43 -23.18 -9.36
CA PHE A 200 -30.63 -22.42 -9.67
C PHE A 200 -31.45 -23.08 -10.78
N PHE A 201 -30.78 -23.45 -11.88
CA PHE A 201 -31.49 -24.11 -12.98
C PHE A 201 -32.14 -25.40 -12.51
N THR A 202 -31.39 -26.24 -11.79
CA THR A 202 -31.95 -27.50 -11.31
C THR A 202 -33.10 -27.26 -10.36
N GLY A 203 -33.00 -26.23 -9.52
CA GLY A 203 -34.06 -25.97 -8.56
C GLY A 203 -35.37 -25.65 -9.24
N PHE A 204 -35.34 -24.73 -10.21
CA PHE A 204 -36.56 -24.48 -10.95
C PHE A 204 -36.95 -25.66 -11.83
N ILE A 205 -36.00 -26.45 -12.34
CA ILE A 205 -36.39 -27.62 -13.12
C ILE A 205 -37.22 -28.57 -12.28
N VAL A 206 -36.75 -28.85 -11.07
CA VAL A 206 -37.49 -29.71 -10.16
C VAL A 206 -38.85 -29.09 -9.82
N GLY A 207 -38.85 -27.79 -9.50
CA GLY A 207 -40.10 -27.15 -9.14
C GLY A 207 -41.14 -27.27 -10.25
N PHE A 208 -40.75 -26.95 -11.47
CA PHE A 208 -41.67 -27.07 -12.60
C PHE A 208 -42.13 -28.51 -12.78
N THR A 209 -41.21 -29.47 -12.70
CA THR A 209 -41.58 -30.86 -12.87
C THR A 209 -42.55 -31.33 -11.78
N ARG A 210 -42.53 -30.70 -10.61
CA ARG A 210 -43.37 -31.15 -9.51
C ARG A 210 -44.76 -30.50 -9.57
N GLY A 211 -44.82 -29.17 -9.51
CA GLY A 211 -46.08 -28.47 -9.57
C GLY A 211 -45.94 -27.02 -9.98
N TRP A 212 -46.72 -26.58 -10.96
CA TRP A 212 -46.55 -25.22 -11.47
C TRP A 212 -47.16 -24.17 -10.53
N LYS A 213 -48.25 -24.50 -9.84
CA LYS A 213 -48.92 -23.49 -9.03
C LYS A 213 -47.98 -22.89 -8.00
N LEU A 214 -47.50 -23.72 -7.06
CA LEU A 214 -46.59 -23.23 -6.03
C LEU A 214 -45.30 -22.72 -6.65
N THR A 215 -44.85 -23.34 -7.75
CA THR A 215 -43.61 -22.91 -8.37
C THR A 215 -43.71 -21.45 -8.79
N LEU A 216 -44.74 -21.11 -9.56
CA LEU A 216 -44.92 -19.72 -10.00
C LEU A 216 -45.17 -18.81 -8.81
N VAL A 217 -45.97 -19.28 -7.82
CA VAL A 217 -46.27 -18.44 -6.67
C VAL A 217 -44.99 -18.01 -5.98
N ILE A 218 -44.11 -18.96 -5.69
CA ILE A 218 -42.87 -18.64 -5.00
C ILE A 218 -41.93 -17.84 -5.89
N LEU A 219 -41.86 -18.20 -7.18
CA LEU A 219 -40.92 -17.54 -8.08
C LEU A 219 -41.24 -16.07 -8.24
N ALA A 220 -42.52 -15.73 -8.39
CA ALA A 220 -42.89 -14.34 -8.61
C ALA A 220 -42.70 -13.48 -7.37
N ILE A 221 -42.61 -14.08 -6.19
CA ILE A 221 -42.62 -13.34 -4.93
C ILE A 221 -41.22 -13.30 -4.31
N SER A 222 -40.63 -14.44 -4.01
CA SER A 222 -39.42 -14.46 -3.19
C SER A 222 -38.24 -13.73 -3.81
N PRO A 223 -37.84 -14.01 -5.06
CA PRO A 223 -36.58 -13.44 -5.54
C PRO A 223 -36.64 -11.96 -5.82
N VAL A 224 -37.81 -11.41 -6.18
CA VAL A 224 -37.91 -9.96 -6.36
C VAL A 224 -37.62 -9.26 -5.04
N LEU A 225 -38.22 -9.76 -3.95
CA LEU A 225 -37.96 -9.18 -2.64
C LEU A 225 -36.51 -9.36 -2.24
N GLY A 226 -35.94 -10.54 -2.52
CA GLY A 226 -34.54 -10.76 -2.19
C GLY A 226 -33.61 -9.81 -2.91
N LEU A 227 -33.85 -9.60 -4.21
CA LEU A 227 -33.06 -8.66 -4.98
C LEU A 227 -33.22 -7.24 -4.45
N SER A 228 -34.45 -6.88 -4.08
CA SER A 228 -34.67 -5.56 -3.50
C SER A 228 -33.86 -5.39 -2.23
N ALA A 229 -33.86 -6.40 -1.36
CA ALA A 229 -33.10 -6.30 -0.12
C ALA A 229 -31.61 -6.21 -0.40
N ALA A 230 -31.10 -6.99 -1.35
CA ALA A 230 -29.68 -6.92 -1.69
C ALA A 230 -29.30 -5.55 -2.22
N VAL A 231 -30.13 -4.99 -3.11
CA VAL A 231 -29.86 -3.66 -3.65
C VAL A 231 -29.90 -2.63 -2.54
N TRP A 232 -30.84 -2.78 -1.59
CA TRP A 232 -30.90 -1.87 -0.47
C TRP A 232 -29.62 -1.93 0.36
N ALA A 233 -29.11 -3.15 0.59
CA ALA A 233 -27.87 -3.29 1.34
C ALA A 233 -26.70 -2.64 0.60
N LYS A 234 -26.65 -2.80 -0.72
CA LYS A 234 -25.59 -2.19 -1.50
C LYS A 234 -25.67 -0.66 -1.44
N ILE A 235 -26.89 -0.12 -1.56
CA ILE A 235 -27.06 1.33 -1.48
C ILE A 235 -26.69 1.83 -0.09
N LEU A 236 -27.01 1.05 0.94
CA LEU A 236 -26.62 1.42 2.30
C LEU A 236 -25.10 1.44 2.45
N SER A 237 -24.42 0.47 1.85
CA SER A 237 -22.96 0.48 1.89
C SER A 237 -22.41 1.71 1.19
N SER A 238 -23.00 2.08 0.05
CA SER A 238 -22.57 3.28 -0.66
C SER A 238 -22.80 4.52 0.20
N PHE A 239 -23.95 4.61 0.86
CA PHE A 239 -24.21 5.74 1.74
C PHE A 239 -23.24 5.80 2.90
N THR A 240 -22.87 4.64 3.44
CA THR A 240 -21.89 4.60 4.52
C THR A 240 -20.54 5.08 4.04
N ASP A 241 -20.14 4.69 2.82
CA ASP A 241 -18.90 5.20 2.24
C ASP A 241 -18.96 6.72 2.07
N LYS A 242 -20.12 7.23 1.62
CA LYS A 242 -20.27 8.68 1.48
C LYS A 242 -20.16 9.38 2.83
N GLU A 243 -20.73 8.79 3.87
CA GLU A 243 -20.61 9.38 5.21
C GLU A 243 -19.17 9.33 5.69
N LEU A 244 -18.44 8.27 5.38
CA LEU A 244 -17.02 8.22 5.69
C LEU A 244 -16.26 9.33 4.96
N LEU A 245 -16.64 9.58 3.71
CA LEU A 245 -16.02 10.68 2.97
C LEU A 245 -16.34 12.02 3.62
N ALA A 246 -17.57 12.19 4.12
CA ALA A 246 -17.91 13.40 4.85
C ALA A 246 -17.05 13.54 6.10
N TYR A 247 -16.86 12.44 6.82
CA TYR A 247 -15.92 12.47 7.94
C TYR A 247 -14.53 12.88 7.49
N ALA A 248 -14.09 12.40 6.33
CA ALA A 248 -12.78 12.77 5.84
C ALA A 248 -12.69 14.26 5.55
N LYS A 249 -13.76 14.83 4.98
CA LYS A 249 -13.82 16.28 4.82
C LYS A 249 -13.67 16.97 6.16
N ALA A 250 -14.36 16.45 7.19
CA ALA A 250 -14.23 17.00 8.53
C ALA A 250 -12.79 16.92 9.03
N GLY A 251 -12.15 15.77 8.83
CA GLY A 251 -10.82 15.52 9.34
C GLY A 251 -9.72 16.21 8.55
N ALA A 252 -10.06 16.76 7.38
CA ALA A 252 -9.09 17.59 6.67
C ALA A 252 -8.46 18.63 7.59
N VAL A 253 -9.20 19.07 8.62
CA VAL A 253 -8.64 20.00 9.59
C VAL A 253 -7.44 19.38 10.30
N ALA A 254 -7.61 18.16 10.81
CA ALA A 254 -6.49 17.48 11.45
C ALA A 254 -5.38 17.21 10.44
N GLU A 255 -5.74 16.87 9.21
CA GLU A 255 -4.74 16.65 8.18
C GLU A 255 -3.84 17.88 8.03
N GLU A 256 -4.46 19.05 7.85
CA GLU A 256 -3.70 20.28 7.71
C GLU A 256 -2.89 20.57 8.96
N VAL A 257 -3.49 20.39 10.14
CA VAL A 257 -2.81 20.74 11.38
C VAL A 257 -1.56 19.89 11.56
N LEU A 258 -1.71 18.57 11.43
CA LEU A 258 -0.58 17.68 11.59
C LEU A 258 0.48 17.93 10.52
N ALA A 259 0.05 18.09 9.26
CA ALA A 259 1.01 18.34 8.19
C ALA A 259 1.94 19.49 8.54
N ALA A 260 1.38 20.59 9.03
CA ALA A 260 2.15 21.74 9.50
C ALA A 260 2.33 21.72 11.01
N ILE A 261 2.36 20.53 11.61
CA ILE A 261 2.42 20.42 13.06
C ILE A 261 3.69 21.05 13.62
N ARG A 262 4.72 21.25 12.80
CA ARG A 262 5.96 21.84 13.29
C ARG A 262 5.70 23.20 13.92
N THR A 263 5.21 24.15 13.12
CA THR A 263 4.97 25.49 13.64
C THR A 263 3.85 25.50 14.67
N VAL A 264 2.87 24.62 14.53
CA VAL A 264 1.78 24.55 15.50
C VAL A 264 2.33 24.24 16.88
N ILE A 265 3.19 23.21 16.97
CA ILE A 265 3.84 22.89 18.23
C ILE A 265 4.73 24.05 18.66
N ALA A 266 5.47 24.63 17.73
CA ALA A 266 6.35 25.75 18.06
C ALA A 266 5.58 26.83 18.81
N PHE A 267 4.44 27.24 18.27
CA PHE A 267 3.59 28.19 18.97
C PHE A 267 2.85 27.54 20.14
N GLY A 268 2.56 26.25 20.03
CA GLY A 268 1.88 25.54 21.10
C GLY A 268 0.41 25.88 21.24
N GLY A 269 -0.22 26.39 20.18
CA GLY A 269 -1.64 26.68 20.23
C GLY A 269 -2.49 25.48 19.88
N GLN A 270 -2.34 24.40 20.64
CA GLN A 270 -3.04 23.16 20.34
C GLN A 270 -4.51 23.22 20.72
N LYS A 271 -4.88 24.03 21.72
CA LYS A 271 -6.26 24.03 22.20
C LYS A 271 -7.24 24.37 21.09
N LYS A 272 -6.93 25.41 20.30
CA LYS A 272 -7.85 25.82 19.24
C LYS A 272 -8.04 24.71 18.21
N GLU A 273 -6.96 24.02 17.84
CA GLU A 273 -7.07 22.93 16.89
C GLU A 273 -7.97 21.83 17.42
N LEU A 274 -7.80 21.46 18.69
CA LEU A 274 -8.63 20.42 19.27
C LEU A 274 -10.09 20.86 19.31
N GLU A 275 -10.35 22.12 19.65
CA GLU A 275 -11.72 22.62 19.68
C GLU A 275 -12.35 22.53 18.30
N ARG A 276 -11.63 22.96 17.26
CA ARG A 276 -12.16 22.87 15.91
C ARG A 276 -12.42 21.41 15.51
N TYR A 277 -11.49 20.52 15.88
CA TYR A 277 -11.67 19.12 15.52
C TYR A 277 -12.90 18.53 16.19
N ASN A 278 -13.13 18.87 17.46
CA ASN A 278 -14.36 18.43 18.12
C ASN A 278 -15.59 19.03 17.46
N LYS A 279 -15.51 20.30 17.05
CA LYS A 279 -16.62 20.91 16.34
C LYS A 279 -16.98 20.10 15.11
N ASN A 280 -15.97 19.64 14.37
CA ASN A 280 -16.22 18.78 13.23
C ASN A 280 -16.77 17.42 13.66
N LEU A 281 -16.18 16.85 14.71
CA LEU A 281 -16.48 15.48 15.10
C LEU A 281 -17.91 15.34 15.60
N GLU A 282 -18.47 16.38 16.24
CA GLU A 282 -19.84 16.29 16.71
C GLU A 282 -20.79 16.06 15.54
N GLU A 283 -20.67 16.87 14.48
CA GLU A 283 -21.51 16.68 13.31
C GLU A 283 -21.23 15.34 12.65
N ALA A 284 -19.95 14.95 12.58
CA ALA A 284 -19.63 13.66 12.00
C ALA A 284 -20.33 12.53 12.74
N LYS A 285 -20.32 12.58 14.08
CA LYS A 285 -20.96 11.56 14.88
C LYS A 285 -22.47 11.56 14.68
N ARG A 286 -23.07 12.74 14.60
CA ARG A 286 -24.52 12.80 14.34
C ARG A 286 -24.85 12.10 13.02
N ILE A 287 -24.10 12.43 11.96
CA ILE A 287 -24.35 11.84 10.65
C ILE A 287 -24.16 10.33 10.71
N GLY A 288 -23.10 9.88 11.37
CA GLY A 288 -22.85 8.46 11.47
C GLY A 288 -23.96 7.71 12.20
N ILE A 289 -24.44 8.29 13.30
CA ILE A 289 -25.52 7.65 14.05
C ILE A 289 -26.77 7.55 13.20
N LYS A 290 -27.12 8.64 12.49
CA LYS A 290 -28.30 8.60 11.63
C LYS A 290 -28.14 7.53 10.56
N LYS A 291 -26.97 7.47 9.92
CA LYS A 291 -26.76 6.49 8.86
C LYS A 291 -26.87 5.07 9.38
N ALA A 292 -26.26 4.80 10.54
CA ALA A 292 -26.31 3.46 11.11
C ALA A 292 -27.74 3.07 11.45
N ILE A 293 -28.50 4.00 12.04
CA ILE A 293 -29.90 3.71 12.37
C ILE A 293 -30.68 3.37 11.10
N THR A 294 -30.51 4.18 10.05
CA THR A 294 -31.24 3.92 8.82
C THR A 294 -30.87 2.58 8.23
N ALA A 295 -29.57 2.25 8.21
CA ALA A 295 -29.14 0.99 7.62
C ALA A 295 -29.69 -0.20 8.39
N ASN A 296 -29.63 -0.15 9.72
CA ASN A 296 -30.16 -1.24 10.53
C ASN A 296 -31.66 -1.39 10.31
N ILE A 297 -32.38 -0.27 10.24
CA ILE A 297 -33.82 -0.32 10.02
C ILE A 297 -34.12 -0.99 8.68
N SER A 298 -33.38 -0.59 7.64
CA SER A 298 -33.62 -1.16 6.31
C SER A 298 -33.33 -2.66 6.30
N ILE A 299 -32.24 -3.08 6.94
CA ILE A 299 -31.91 -4.50 6.97
C ILE A 299 -33.00 -5.28 7.69
N GLY A 300 -33.46 -4.78 8.83
CA GLY A 300 -34.53 -5.45 9.54
C GLY A 300 -35.80 -5.54 8.72
N ALA A 301 -36.13 -4.46 8.01
CA ALA A 301 -37.33 -4.47 7.17
C ALA A 301 -37.21 -5.51 6.06
N ALA A 302 -36.03 -5.62 5.43
CA ALA A 302 -35.84 -6.62 4.40
C ALA A 302 -35.99 -8.03 4.97
N PHE A 303 -35.41 -8.29 6.14
CA PHE A 303 -35.54 -9.61 6.75
C PHE A 303 -37.01 -9.91 7.05
N LEU A 304 -37.74 -8.93 7.59
CA LEU A 304 -39.15 -9.14 7.89
C LEU A 304 -39.94 -9.41 6.62
N LEU A 305 -39.64 -8.69 5.55
CA LEU A 305 -40.34 -8.91 4.29
C LEU A 305 -40.09 -10.31 3.76
N ILE A 306 -38.84 -10.78 3.83
CA ILE A 306 -38.54 -12.13 3.37
C ILE A 306 -39.30 -13.16 4.20
N TYR A 307 -39.31 -12.97 5.52
CA TYR A 307 -40.04 -13.90 6.38
C TYR A 307 -41.52 -13.90 6.05
N ALA A 308 -42.09 -12.71 5.81
CA ALA A 308 -43.51 -12.62 5.48
C ALA A 308 -43.81 -13.32 4.17
N SER A 309 -42.94 -13.15 3.17
CA SER A 309 -43.15 -13.83 1.89
C SER A 309 -43.10 -15.34 2.06
N TYR A 310 -42.14 -15.83 2.85
CA TYR A 310 -42.09 -17.27 3.11
C TYR A 310 -43.34 -17.75 3.81
N ALA A 311 -43.84 -16.95 4.77
CA ALA A 311 -45.07 -17.31 5.47
C ALA A 311 -46.24 -17.36 4.52
N LEU A 312 -46.33 -16.40 3.59
CA LEU A 312 -47.41 -16.41 2.62
C LEU A 312 -47.31 -17.64 1.72
N ALA A 313 -46.10 -18.01 1.33
CA ALA A 313 -45.92 -19.24 0.57
C ALA A 313 -46.42 -20.45 1.33
N PHE A 314 -46.08 -20.53 2.62
CA PHE A 314 -46.58 -21.63 3.44
C PHE A 314 -48.11 -21.61 3.51
N TRP A 315 -48.70 -20.43 3.67
CA TRP A 315 -50.16 -20.37 3.74
C TRP A 315 -50.80 -20.89 2.47
N TYR A 316 -50.31 -20.42 1.32
CA TYR A 316 -50.89 -20.87 0.05
C TYR A 316 -50.72 -22.38 -0.11
N GLY A 317 -49.53 -22.89 0.21
CA GLY A 317 -49.30 -24.32 0.07
C GLY A 317 -50.19 -25.13 0.99
N THR A 318 -50.31 -24.71 2.25
CA THR A 318 -51.16 -25.42 3.19
C THR A 318 -52.61 -25.41 2.74
N THR A 319 -53.09 -24.27 2.26
CA THR A 319 -54.46 -24.21 1.75
C THR A 319 -54.64 -25.16 0.58
N LEU A 320 -53.68 -25.15 -0.36
CA LEU A 320 -53.79 -26.01 -1.53
C LEU A 320 -53.83 -27.48 -1.13
N VAL A 321 -52.93 -27.90 -0.24
CA VAL A 321 -52.88 -29.31 0.14
C VAL A 321 -54.14 -29.68 0.91
N LEU A 322 -54.62 -28.80 1.78
CA LEU A 322 -55.91 -29.03 2.41
C LEU A 322 -57.00 -29.21 1.36
N SER A 323 -56.88 -28.51 0.23
CA SER A 323 -57.77 -28.77 -0.90
C SER A 323 -57.43 -30.08 -1.59
N GLY A 324 -56.16 -30.48 -1.56
CA GLY A 324 -55.75 -31.76 -2.11
C GLY A 324 -55.06 -31.66 -3.45
N GLU A 325 -54.29 -30.59 -3.66
CA GLU A 325 -53.59 -30.40 -4.92
C GLU A 325 -52.32 -31.24 -4.98
N TYR A 326 -51.38 -30.98 -4.07
CA TYR A 326 -50.10 -31.67 -4.03
C TYR A 326 -49.88 -32.28 -2.65
N SER A 327 -48.98 -33.26 -2.60
CA SER A 327 -48.65 -33.90 -1.33
C SER A 327 -48.01 -32.90 -0.39
N ILE A 328 -48.27 -33.07 0.92
CA ILE A 328 -47.75 -32.15 1.91
C ILE A 328 -46.23 -32.05 1.78
N GLY A 329 -45.57 -33.20 1.67
CA GLY A 329 -44.13 -33.17 1.45
C GLY A 329 -43.75 -32.47 0.16
N GLN A 330 -44.56 -32.67 -0.89
CA GLN A 330 -44.29 -31.99 -2.16
C GLN A 330 -44.27 -30.47 -1.97
N VAL A 331 -45.11 -29.95 -1.09
CA VAL A 331 -45.13 -28.52 -0.83
C VAL A 331 -43.76 -28.07 -0.32
N LEU A 332 -43.24 -28.77 0.69
CA LEU A 332 -41.92 -28.42 1.23
C LEU A 332 -40.84 -28.58 0.16
N THR A 333 -40.92 -29.64 -0.63
CA THR A 333 -39.92 -29.85 -1.67
C THR A 333 -39.89 -28.67 -2.63
N VAL A 334 -41.04 -28.28 -3.16
CA VAL A 334 -41.08 -27.18 -4.14
C VAL A 334 -40.63 -25.89 -3.49
N PHE A 335 -41.11 -25.61 -2.28
CA PHE A 335 -40.73 -24.38 -1.61
C PHE A 335 -39.22 -24.29 -1.42
N PHE A 336 -38.61 -25.37 -0.93
CA PHE A 336 -37.18 -25.32 -0.67
C PHE A 336 -36.40 -25.26 -1.98
N SER A 337 -36.87 -25.95 -3.02
CA SER A 337 -36.21 -25.85 -4.31
C SER A 337 -36.15 -24.40 -4.77
N VAL A 338 -37.30 -23.72 -4.75
CA VAL A 338 -37.33 -22.33 -5.23
C VAL A 338 -36.46 -21.44 -4.36
N LEU A 339 -36.61 -21.56 -3.04
CA LEU A 339 -35.87 -20.67 -2.14
C LEU A 339 -34.37 -20.87 -2.27
N ILE A 340 -33.92 -22.12 -2.35
CA ILE A 340 -32.50 -22.40 -2.48
C ILE A 340 -31.98 -21.95 -3.84
N GLY A 341 -32.80 -22.08 -4.90
CA GLY A 341 -32.39 -21.53 -6.18
C GLY A 341 -32.15 -20.03 -6.11
N ALA A 342 -33.09 -19.31 -5.50
CA ALA A 342 -32.92 -17.88 -5.35
C ALA A 342 -31.67 -17.55 -4.55
N PHE A 343 -31.51 -18.19 -3.39
CA PHE A 343 -30.34 -17.92 -2.57
C PHE A 343 -29.04 -18.29 -3.28
N SER A 344 -29.09 -19.30 -4.15
CA SER A 344 -27.91 -19.68 -4.90
C SER A 344 -27.54 -18.60 -5.92
N VAL A 345 -28.53 -18.09 -6.65
CA VAL A 345 -28.26 -16.95 -7.52
C VAL A 345 -27.66 -15.81 -6.71
N GLY A 346 -28.17 -15.59 -5.50
CA GLY A 346 -27.59 -14.59 -4.63
C GLY A 346 -26.13 -14.85 -4.34
N GLN A 347 -25.78 -16.12 -4.14
CA GLN A 347 -24.39 -16.48 -3.83
C GLN A 347 -23.44 -16.25 -5.00
N ALA A 348 -23.96 -16.13 -6.22
CA ALA A 348 -23.10 -16.06 -7.39
C ALA A 348 -22.50 -14.69 -7.64
N SER A 349 -22.86 -13.68 -6.86
CA SER A 349 -22.43 -12.32 -7.15
C SER A 349 -20.91 -12.16 -7.16
N PRO A 350 -20.18 -12.57 -6.12
CA PRO A 350 -18.76 -12.18 -6.05
C PRO A 350 -17.92 -12.67 -7.20
N SER A 351 -18.23 -13.85 -7.75
CA SER A 351 -17.38 -14.42 -8.79
C SER A 351 -17.35 -13.53 -10.02
N ILE A 352 -18.51 -12.98 -10.41
CA ILE A 352 -18.55 -12.17 -11.62
C ILE A 352 -17.71 -10.91 -11.46
N GLU A 353 -17.84 -10.23 -10.33
CA GLU A 353 -17.03 -9.02 -10.11
C GLU A 353 -15.56 -9.36 -10.07
N ALA A 354 -15.19 -10.43 -9.37
CA ALA A 354 -13.78 -10.82 -9.33
C ALA A 354 -13.26 -11.13 -10.72
N PHE A 355 -14.06 -11.83 -11.53
CA PHE A 355 -13.64 -12.19 -12.87
C PHE A 355 -13.49 -10.94 -13.74
N ALA A 356 -14.37 -9.96 -13.56
CA ALA A 356 -14.22 -8.71 -14.32
C ALA A 356 -12.94 -7.99 -13.94
N ASN A 357 -12.64 -7.91 -12.64
CA ASN A 357 -11.40 -7.28 -12.22
C ASN A 357 -10.20 -8.04 -12.79
N ALA A 358 -10.27 -9.37 -12.78
CA ALA A 358 -9.21 -10.17 -13.36
C ALA A 358 -9.07 -9.90 -14.84
N ARG A 359 -10.18 -9.73 -15.55
CA ARG A 359 -10.12 -9.40 -16.97
C ARG A 359 -9.42 -8.08 -17.20
N GLY A 360 -9.73 -7.08 -16.37
CA GLY A 360 -9.04 -5.80 -16.50
C GLY A 360 -7.54 -5.92 -16.28
N ALA A 361 -7.15 -6.61 -15.21
CA ALA A 361 -5.72 -6.80 -14.95
C ALA A 361 -5.07 -7.58 -16.08
N ALA A 362 -5.76 -8.59 -16.59
CA ALA A 362 -5.22 -9.40 -17.67
C ALA A 362 -5.02 -8.57 -18.93
N TYR A 363 -5.95 -7.66 -19.21
CA TYR A 363 -5.76 -6.76 -20.33
C TYR A 363 -4.54 -5.88 -20.12
N GLU A 364 -4.37 -5.37 -18.90
CA GLU A 364 -3.20 -4.56 -18.59
C GLU A 364 -1.92 -5.34 -18.87
N ILE A 365 -1.89 -6.61 -18.48
CA ILE A 365 -0.70 -7.43 -18.69
C ILE A 365 -0.52 -7.75 -20.17
N PHE A 366 -1.60 -8.12 -20.85
CA PHE A 366 -1.53 -8.48 -22.26
C PHE A 366 -1.05 -7.31 -23.11
N LYS A 367 -1.34 -6.08 -22.69
CA LYS A 367 -0.86 -4.93 -23.45
C LYS A 367 0.65 -5.02 -23.63
N ILE A 368 1.39 -5.22 -22.54
CA ILE A 368 2.83 -5.39 -22.64
C ILE A 368 3.16 -6.72 -23.31
N ILE A 369 2.37 -7.75 -23.02
CA ILE A 369 2.72 -9.09 -23.49
C ILE A 369 2.79 -9.15 -25.01
N ASP A 370 1.82 -8.54 -25.69
CA ASP A 370 1.70 -8.65 -27.14
C ASP A 370 2.32 -7.48 -27.89
N ASN A 371 2.98 -6.55 -27.20
CA ASN A 371 3.55 -5.37 -27.84
C ASN A 371 4.84 -5.74 -28.55
N LYS A 372 4.81 -5.79 -29.88
CA LYS A 372 6.03 -6.08 -30.64
C LYS A 372 7.03 -4.94 -30.47
N PRO A 373 8.32 -5.25 -30.28
CA PRO A 373 9.30 -4.18 -30.07
C PRO A 373 9.95 -3.72 -31.37
N SER A 374 10.60 -2.56 -31.29
CA SER A 374 11.33 -2.02 -32.43
C SER A 374 12.58 -2.84 -32.70
N ILE A 375 13.34 -3.15 -31.65
CA ILE A 375 14.57 -3.93 -31.75
C ILE A 375 14.37 -5.21 -30.95
N ASP A 376 14.41 -6.35 -31.62
CA ASP A 376 14.15 -7.65 -30.98
C ASP A 376 15.48 -8.19 -30.44
N SER A 377 15.79 -7.82 -29.20
CA SER A 377 17.02 -8.32 -28.58
C SER A 377 16.99 -9.84 -28.48
N TYR A 378 15.86 -10.41 -28.06
CA TYR A 378 15.71 -11.86 -27.96
C TYR A 378 15.24 -12.43 -29.29
N SER A 379 15.97 -12.08 -30.34
CA SER A 379 15.67 -12.54 -31.70
C SER A 379 16.96 -12.94 -32.40
N LYS A 380 16.90 -14.01 -33.18
CA LYS A 380 18.06 -14.49 -33.92
C LYS A 380 18.24 -13.77 -35.25
N SER A 381 17.24 -13.00 -35.70
CA SER A 381 17.34 -12.33 -36.99
C SER A 381 18.46 -11.31 -36.98
N GLY A 382 19.06 -11.10 -38.14
CA GLY A 382 20.11 -10.10 -38.31
C GLY A 382 21.41 -10.73 -38.77
N HIS A 383 22.16 -9.97 -39.56
CA HIS A 383 23.47 -10.43 -40.01
C HIS A 383 24.41 -10.57 -38.82
N LYS A 384 25.27 -11.59 -38.88
CA LYS A 384 26.24 -11.87 -37.81
C LYS A 384 27.62 -11.98 -38.43
N PRO A 385 28.22 -10.85 -38.82
CA PRO A 385 29.55 -10.91 -39.44
C PRO A 385 30.59 -11.50 -38.48
N ASP A 386 31.49 -12.30 -39.05
CA ASP A 386 32.58 -12.88 -38.28
C ASP A 386 33.82 -12.00 -38.32
N ASN A 387 34.23 -11.57 -39.52
CA ASN A 387 35.37 -10.68 -39.65
C ASN A 387 35.06 -9.35 -38.97
N ILE A 388 35.84 -9.03 -37.94
CA ILE A 388 35.61 -7.84 -37.13
C ILE A 388 36.85 -6.96 -37.18
N LYS A 389 36.71 -5.77 -37.76
CA LYS A 389 37.76 -4.77 -37.77
C LYS A 389 37.17 -3.47 -37.23
N GLY A 390 37.80 -2.90 -36.21
CA GLY A 390 37.27 -1.71 -35.58
C GLY A 390 37.08 -0.58 -36.57
N ASN A 391 35.82 -0.25 -36.84
CA ASN A 391 35.52 0.83 -37.78
C ASN A 391 34.09 1.28 -37.56
N LEU A 392 33.91 2.58 -37.34
CA LEU A 392 32.59 3.17 -37.20
C LEU A 392 32.56 4.52 -37.89
N GLU A 393 31.38 4.92 -38.35
CA GLU A 393 31.24 6.19 -39.07
C GLU A 393 29.81 6.69 -38.89
N PHE A 394 29.63 7.66 -38.01
CA PHE A 394 28.36 8.35 -37.83
C PHE A 394 28.35 9.59 -38.70
N ARG A 395 27.26 9.80 -39.44
CA ARG A 395 27.14 10.94 -40.34
C ARG A 395 25.75 11.54 -40.21
N ASN A 396 25.69 12.83 -39.91
CA ASN A 396 24.43 13.54 -39.73
C ASN A 396 23.49 12.74 -38.84
N VAL A 397 24.00 12.31 -37.69
CA VAL A 397 23.26 11.41 -36.80
C VAL A 397 22.43 12.32 -35.89
N HIS A 398 21.25 12.70 -36.38
CA HIS A 398 20.30 13.43 -35.56
C HIS A 398 19.43 12.45 -34.80
N PHE A 399 19.26 12.70 -33.50
CA PHE A 399 18.48 11.80 -32.66
C PHE A 399 17.89 12.57 -31.50
N SER A 400 16.65 12.26 -31.16
CA SER A 400 15.94 12.86 -30.03
C SER A 400 15.48 11.75 -29.11
N TYR A 401 15.74 11.90 -27.81
CA TYR A 401 15.31 10.91 -26.84
C TYR A 401 13.79 10.82 -26.84
N PRO A 402 13.20 9.65 -27.06
CA PRO A 402 11.73 9.56 -27.08
C PRO A 402 11.08 10.04 -25.79
N SER A 403 11.80 9.98 -24.66
CA SER A 403 11.23 10.42 -23.39
C SER A 403 10.64 11.82 -23.53
N ARG A 404 11.42 12.74 -24.10
CA ARG A 404 10.97 14.12 -24.35
C ARG A 404 11.24 14.40 -25.82
N LYS A 405 10.26 14.09 -26.68
CA LYS A 405 10.45 14.24 -28.11
C LYS A 405 10.70 15.69 -28.52
N GLU A 406 10.34 16.66 -27.67
CA GLU A 406 10.51 18.05 -28.04
C GLU A 406 11.99 18.40 -28.24
N VAL A 407 12.82 18.08 -27.26
CA VAL A 407 14.23 18.45 -27.30
C VAL A 407 14.98 17.45 -28.17
N LYS A 408 15.65 17.95 -29.20
CA LYS A 408 16.49 17.12 -30.07
C LYS A 408 17.92 17.20 -29.55
N ILE A 409 18.36 16.17 -28.83
CA ILE A 409 19.69 16.18 -28.26
C ILE A 409 20.76 16.00 -29.33
N LEU A 410 20.52 15.15 -30.32
CA LEU A 410 21.45 14.93 -31.43
C LEU A 410 20.86 15.62 -32.67
N LYS A 411 21.51 16.71 -33.09
CA LYS A 411 21.08 17.46 -34.25
C LYS A 411 21.81 17.05 -35.53
N GLY A 412 22.74 16.10 -35.44
CA GLY A 412 23.50 15.69 -36.60
C GLY A 412 24.96 16.08 -36.50
N LEU A 413 25.85 15.23 -36.99
CA LEU A 413 27.28 15.50 -36.93
C LEU A 413 27.98 14.44 -37.78
N ASN A 414 29.30 14.47 -37.78
CA ASN A 414 30.11 13.52 -38.54
C ASN A 414 31.31 13.10 -37.71
N LEU A 415 31.59 11.81 -37.65
CA LEU A 415 32.71 11.28 -36.90
C LEU A 415 32.98 9.85 -37.33
N LYS A 416 34.22 9.60 -37.76
CA LYS A 416 34.64 8.27 -38.20
C LYS A 416 35.87 7.85 -37.41
N VAL A 417 35.91 6.59 -37.00
CA VAL A 417 37.01 6.04 -36.22
C VAL A 417 37.39 4.68 -36.80
N GLN A 418 38.69 4.44 -36.89
CA GLN A 418 39.24 3.17 -37.38
C GLN A 418 39.59 2.27 -36.20
N SER A 419 40.05 1.06 -36.54
CA SER A 419 40.38 0.08 -35.51
C SER A 419 41.46 0.61 -34.59
N GLY A 420 41.32 0.31 -33.29
CA GLY A 420 42.32 0.71 -32.32
C GLY A 420 42.58 2.20 -32.29
N GLN A 421 41.53 3.01 -32.41
CA GLN A 421 41.63 4.46 -32.39
C GLN A 421 40.96 4.99 -31.15
N THR A 422 41.71 5.72 -30.32
CA THR A 422 41.16 6.32 -29.12
C THR A 422 40.49 7.64 -29.48
N VAL A 423 39.17 7.71 -29.25
CA VAL A 423 38.39 8.90 -29.54
C VAL A 423 37.76 9.38 -28.24
N ALA A 424 37.93 10.66 -27.94
CA ALA A 424 37.42 11.26 -26.71
C ALA A 424 36.44 12.38 -27.07
N LEU A 425 35.49 12.61 -26.17
CA LEU A 425 34.48 13.64 -26.34
C LEU A 425 34.72 14.74 -25.30
N VAL A 426 34.89 15.97 -25.78
CA VAL A 426 35.12 17.12 -24.92
C VAL A 426 33.98 18.10 -25.13
N GLY A 427 33.36 18.54 -24.04
CA GLY A 427 32.25 19.45 -24.13
C GLY A 427 31.55 19.57 -22.80
N ASN A 428 30.65 20.55 -22.73
CA ASN A 428 29.88 20.79 -21.53
C ASN A 428 28.75 19.78 -21.39
N SER A 429 28.11 19.78 -20.22
CA SER A 429 26.99 18.88 -20.00
C SER A 429 25.91 19.10 -21.04
N GLY A 430 25.39 18.00 -21.58
CA GLY A 430 24.38 18.05 -22.62
C GLY A 430 24.91 18.33 -24.02
N CYS A 431 26.23 18.45 -24.18
CA CYS A 431 26.78 18.74 -25.50
C CYS A 431 26.46 17.66 -26.52
N GLY A 432 26.18 16.44 -26.07
CA GLY A 432 25.88 15.36 -26.99
C GLY A 432 26.82 14.18 -26.84
N LYS A 433 27.44 14.04 -25.68
CA LYS A 433 28.37 12.95 -25.42
C LYS A 433 27.69 11.75 -24.78
N SER A 434 26.97 11.97 -23.69
CA SER A 434 26.30 10.86 -23.00
C SER A 434 25.29 10.19 -23.93
N THR A 435 24.48 10.99 -24.63
CA THR A 435 23.51 10.43 -25.56
C THR A 435 24.20 9.70 -26.71
N THR A 436 25.31 10.26 -27.20
CA THR A 436 26.06 9.60 -28.26
C THR A 436 26.55 8.23 -27.81
N VAL A 437 27.09 8.16 -26.59
CA VAL A 437 27.56 6.88 -26.07
C VAL A 437 26.39 5.90 -25.94
N GLN A 438 25.28 6.37 -25.37
CA GLN A 438 24.13 5.49 -25.18
C GLN A 438 23.65 4.93 -26.50
N LEU A 439 23.54 5.79 -27.53
CA LEU A 439 23.14 5.33 -28.85
C LEU A 439 24.19 4.45 -29.49
N MET A 440 25.46 4.57 -29.07
CA MET A 440 26.51 3.75 -29.66
C MET A 440 26.15 2.28 -29.64
N GLN A 441 25.51 1.81 -28.56
CA GLN A 441 25.13 0.42 -28.43
C GLN A 441 23.77 0.12 -29.06
N ARG A 442 23.29 0.99 -29.95
CA ARG A 442 22.01 0.79 -30.64
C ARG A 442 20.84 0.69 -29.66
N LEU A 443 20.98 1.24 -28.46
CA LEU A 443 19.89 1.21 -27.49
C LEU A 443 18.67 1.95 -28.04
N TYR A 444 18.86 3.17 -28.49
CA TYR A 444 17.81 3.97 -29.12
C TYR A 444 18.11 4.10 -30.60
N ASP A 445 17.16 3.71 -31.44
CA ASP A 445 17.34 3.90 -32.87
C ASP A 445 17.41 5.40 -33.18
N PRO A 446 18.39 5.84 -33.96
CA PRO A 446 18.53 7.29 -34.20
C PRO A 446 17.34 7.84 -34.96
N THR A 447 16.96 9.07 -34.60
CA THR A 447 15.88 9.75 -35.31
C THR A 447 16.27 10.02 -36.76
N GLU A 448 17.51 10.43 -36.98
CA GLU A 448 18.01 10.70 -38.33
C GLU A 448 19.52 10.47 -38.32
N GLY A 449 19.97 9.50 -39.12
CA GLY A 449 21.38 9.20 -39.20
C GLY A 449 21.68 7.95 -40.00
N MET A 450 22.93 7.80 -40.43
CA MET A 450 23.37 6.65 -41.22
C MET A 450 24.65 6.12 -40.57
N VAL A 451 24.50 5.16 -39.67
CA VAL A 451 25.63 4.58 -38.95
C VAL A 451 26.07 3.31 -39.66
N SER A 452 27.38 3.18 -39.87
CA SER A 452 27.97 2.00 -40.49
C SER A 452 29.17 1.56 -39.66
N VAL A 453 29.24 0.27 -39.36
CA VAL A 453 30.33 -0.29 -38.58
C VAL A 453 31.11 -1.23 -39.49
N ASP A 454 32.41 -0.96 -39.65
CA ASP A 454 33.26 -1.76 -40.52
C ASP A 454 32.70 -1.86 -41.93
N GLY A 455 32.07 -0.78 -42.39
CA GLY A 455 31.43 -0.76 -43.69
C GLY A 455 30.05 -1.38 -43.74
N GLN A 456 29.54 -1.87 -42.61
CA GLN A 456 28.24 -2.53 -42.55
C GLN A 456 27.30 -1.76 -41.64
N ASP A 457 26.08 -1.54 -42.09
CA ASP A 457 25.09 -0.85 -41.28
C ASP A 457 24.78 -1.65 -40.02
N ILE A 458 24.62 -0.94 -38.90
CA ILE A 458 24.36 -1.61 -37.63
C ILE A 458 23.00 -2.30 -37.66
N ARG A 459 22.00 -1.65 -38.24
CA ARG A 459 20.64 -2.17 -38.17
C ARG A 459 20.53 -3.57 -38.77
N THR A 460 21.18 -3.79 -39.92
CA THR A 460 21.05 -5.07 -40.60
C THR A 460 21.61 -6.22 -39.76
N ILE A 461 22.69 -5.97 -39.01
CA ILE A 461 23.32 -7.03 -38.25
C ILE A 461 22.41 -7.45 -37.09
N ASN A 462 22.56 -8.71 -36.67
CA ASN A 462 21.79 -9.22 -35.55
C ASN A 462 22.07 -8.39 -34.29
N VAL A 463 21.01 -8.05 -33.56
CA VAL A 463 21.17 -7.19 -32.39
C VAL A 463 21.95 -7.91 -31.29
N ARG A 464 21.66 -9.21 -31.08
CA ARG A 464 22.28 -9.93 -29.98
C ARG A 464 23.80 -9.90 -30.08
N PHE A 465 24.33 -10.29 -31.24
CA PHE A 465 25.78 -10.30 -31.41
C PHE A 465 26.35 -8.88 -31.33
N LEU A 466 25.64 -7.90 -31.90
CA LEU A 466 26.12 -6.53 -31.84
C LEU A 466 26.30 -6.08 -30.39
N ARG A 467 25.32 -6.38 -29.54
CA ARG A 467 25.45 -6.04 -28.13
C ARG A 467 26.57 -6.83 -27.46
N GLU A 468 26.67 -8.12 -27.78
CA GLU A 468 27.66 -8.97 -27.13
C GLU A 468 29.08 -8.63 -27.55
N ILE A 469 29.27 -7.93 -28.66
CA ILE A 469 30.58 -7.62 -29.18
C ILE A 469 31.01 -6.20 -28.82
N ILE A 470 30.39 -5.59 -27.82
CA ILE A 470 30.73 -4.24 -27.37
C ILE A 470 30.69 -4.22 -25.85
N GLY A 471 31.68 -3.56 -25.26
CA GLY A 471 31.76 -3.42 -23.81
C GLY A 471 31.63 -1.96 -23.41
N VAL A 472 30.91 -1.71 -22.32
CA VAL A 472 30.67 -0.35 -21.85
C VAL A 472 30.84 -0.31 -20.33
N VAL A 473 31.64 0.64 -19.86
CA VAL A 473 31.79 0.93 -18.44
C VAL A 473 30.98 2.19 -18.15
N SER A 474 30.04 2.09 -17.22
CA SER A 474 29.14 3.20 -16.91
C SER A 474 29.78 4.13 -15.91
N GLN A 475 29.05 5.19 -15.56
CA GLN A 475 29.52 6.11 -14.52
C GLN A 475 29.52 5.44 -13.15
N GLU A 476 28.44 4.71 -12.84
CA GLU A 476 28.31 4.00 -11.57
C GLU A 476 27.85 2.57 -11.86
N PRO A 477 28.71 1.77 -12.51
CA PRO A 477 28.30 0.41 -12.88
C PRO A 477 27.95 -0.41 -11.64
N VAL A 478 26.98 -1.31 -11.81
CA VAL A 478 26.50 -2.14 -10.73
C VAL A 478 26.89 -3.58 -10.98
N LEU A 479 26.73 -4.40 -9.94
CA LEU A 479 27.00 -5.83 -10.01
C LEU A 479 25.81 -6.58 -9.45
N PHE A 480 25.35 -7.61 -10.17
CA PHE A 480 24.22 -8.39 -9.73
C PHE A 480 24.46 -8.92 -8.31
N ALA A 481 23.37 -9.15 -7.59
CA ALA A 481 23.46 -9.58 -6.20
C ALA A 481 23.89 -11.04 -6.10
N THR A 482 25.17 -11.31 -6.36
CA THR A 482 25.74 -12.63 -6.22
C THR A 482 27.20 -12.49 -5.85
N THR A 483 27.93 -13.60 -5.91
CA THR A 483 29.37 -13.55 -5.71
C THR A 483 30.04 -12.76 -6.84
N ILE A 484 31.13 -12.06 -6.50
CA ILE A 484 31.84 -11.28 -7.50
C ILE A 484 32.22 -12.16 -8.68
N ALA A 485 32.73 -13.36 -8.39
CA ALA A 485 32.98 -14.31 -9.46
C ALA A 485 31.70 -14.62 -10.23
N GLU A 486 30.59 -14.75 -9.52
CA GLU A 486 29.31 -14.99 -10.19
C GLU A 486 28.96 -13.84 -11.12
N ASN A 487 29.06 -12.61 -10.62
CA ASN A 487 28.74 -11.46 -11.46
C ASN A 487 29.62 -11.43 -12.70
N ILE A 488 30.91 -11.70 -12.54
CA ILE A 488 31.80 -11.76 -13.70
C ILE A 488 31.35 -12.84 -14.67
N ARG A 489 30.99 -14.02 -14.14
CA ARG A 489 30.51 -15.09 -15.00
C ARG A 489 29.26 -14.68 -15.76
N TYR A 490 28.46 -13.77 -15.19
CA TYR A 490 27.31 -13.25 -15.92
C TYR A 490 27.73 -12.54 -17.21
N GLY A 491 28.99 -12.08 -17.28
CA GLY A 491 29.42 -11.38 -18.47
C GLY A 491 29.36 -12.24 -19.73
N ARG A 492 29.73 -13.51 -19.61
CA ARG A 492 29.72 -14.43 -20.73
C ARG A 492 29.27 -15.80 -20.27
N GLU A 493 28.62 -16.54 -21.18
CA GLU A 493 28.13 -17.87 -20.84
C GLU A 493 29.27 -18.78 -20.43
N ASN A 494 30.36 -18.75 -21.19
CA ASN A 494 31.55 -19.55 -20.89
C ASN A 494 32.57 -18.66 -20.19
N VAL A 495 32.96 -19.06 -18.98
CA VAL A 495 33.92 -18.30 -18.18
C VAL A 495 34.69 -19.27 -17.31
N THR A 496 36.01 -19.22 -17.40
CA THR A 496 36.89 -20.08 -16.62
C THR A 496 37.56 -19.29 -15.50
N MET A 497 37.78 -19.96 -14.36
CA MET A 497 38.39 -19.31 -13.22
C MET A 497 39.74 -18.72 -13.57
N ASP A 498 40.49 -19.37 -14.47
CA ASP A 498 41.77 -18.81 -14.90
C ASP A 498 41.56 -17.49 -15.63
N GLU A 499 40.58 -17.43 -16.53
CA GLU A 499 40.28 -16.18 -17.20
C GLU A 499 39.82 -15.11 -16.22
N ILE A 500 39.05 -15.51 -15.20
CA ILE A 500 38.60 -14.56 -14.19
C ILE A 500 39.79 -13.99 -13.44
N GLU A 501 40.74 -14.85 -13.06
CA GLU A 501 41.93 -14.37 -12.37
C GLU A 501 42.75 -13.44 -13.25
N LYS A 502 42.91 -13.80 -14.52
CA LYS A 502 43.65 -12.95 -15.45
C LYS A 502 42.99 -11.58 -15.57
N ALA A 503 41.66 -11.55 -15.71
CA ALA A 503 40.96 -10.28 -15.81
C ALA A 503 41.10 -9.46 -14.53
N VAL A 504 40.97 -10.12 -13.38
CA VAL A 504 41.09 -9.39 -12.11
C VAL A 504 42.47 -8.78 -11.99
N LYS A 505 43.51 -9.53 -12.37
CA LYS A 505 44.86 -8.98 -12.35
C LYS A 505 44.99 -7.81 -13.32
N GLU A 506 44.42 -7.95 -14.52
CA GLU A 506 44.50 -6.87 -15.50
C GLU A 506 43.84 -5.60 -14.99
N ALA A 507 42.73 -5.73 -14.27
CA ALA A 507 42.01 -4.58 -13.75
C ALA A 507 42.48 -4.16 -12.37
N ASN A 508 43.53 -4.80 -11.84
CA ASN A 508 44.04 -4.48 -10.51
C ASN A 508 42.96 -4.75 -9.44
N ALA A 509 42.19 -5.82 -9.66
CA ALA A 509 41.14 -6.22 -8.72
C ALA A 509 41.54 -7.45 -7.91
N TYR A 510 42.67 -8.09 -8.21
CA TYR A 510 43.04 -9.31 -7.49
C TYR A 510 43.22 -9.04 -6.01
N ASP A 511 43.91 -7.94 -5.67
CA ASP A 511 44.16 -7.63 -4.27
C ASP A 511 42.86 -7.42 -3.50
N PHE A 512 41.95 -6.61 -4.05
CA PHE A 512 40.71 -6.30 -3.35
C PHE A 512 39.87 -7.55 -3.14
N ILE A 513 39.83 -8.45 -4.13
CA ILE A 513 39.06 -9.68 -3.98
C ILE A 513 39.72 -10.59 -2.96
N MET A 514 41.04 -10.75 -3.04
CA MET A 514 41.74 -11.71 -2.19
C MET A 514 41.74 -11.28 -0.72
N LYS A 515 41.89 -9.99 -0.44
CA LYS A 515 41.94 -9.54 0.95
C LYS A 515 40.64 -9.80 1.67
N LEU A 516 39.50 -9.60 0.99
CA LEU A 516 38.21 -9.69 1.64
C LEU A 516 37.87 -11.12 1.99
N PRO A 517 36.93 -11.33 2.93
CA PRO A 517 36.51 -12.70 3.26
C PRO A 517 35.95 -13.40 2.04
N HIS A 518 36.21 -14.70 1.96
CA HIS A 518 35.77 -15.51 0.83
C HIS A 518 36.23 -14.87 -0.48
N LYS A 519 37.56 -14.91 -0.65
CA LYS A 519 38.22 -14.11 -1.67
C LYS A 519 37.44 -14.02 -2.98
N PHE A 520 36.98 -15.16 -3.50
CA PHE A 520 36.21 -15.20 -4.74
C PHE A 520 34.78 -15.65 -4.48
N ASP A 521 34.25 -15.38 -3.28
CA ASP A 521 32.89 -15.75 -2.94
C ASP A 521 32.15 -14.67 -2.16
N THR A 522 32.72 -13.47 -2.04
CA THR A 522 32.08 -12.42 -1.26
C THR A 522 30.69 -12.14 -1.80
N LEU A 523 29.70 -12.09 -0.90
CA LEU A 523 28.32 -11.82 -1.26
C LEU A 523 28.12 -10.31 -1.31
N VAL A 524 28.13 -9.76 -2.53
CA VAL A 524 27.97 -8.32 -2.68
C VAL A 524 26.71 -7.87 -1.97
N GLY A 525 26.84 -6.81 -1.17
CA GLY A 525 25.71 -6.28 -0.45
C GLY A 525 24.58 -5.88 -1.38
N GLU A 526 23.35 -5.91 -0.88
CA GLU A 526 22.20 -5.56 -1.71
C GLU A 526 22.39 -4.18 -2.31
N ARG A 527 22.48 -4.11 -3.63
CA ARG A 527 22.74 -2.87 -4.36
C ARG A 527 24.18 -2.41 -4.20
N GLY A 528 25.11 -3.35 -3.99
CA GLY A 528 26.51 -3.02 -3.84
C GLY A 528 26.81 -2.19 -2.62
N ALA A 529 26.23 -2.57 -1.47
CA ALA A 529 26.43 -1.83 -0.23
C ALA A 529 27.65 -2.27 0.55
N GLN A 530 28.30 -3.37 0.16
CA GLN A 530 29.45 -3.90 0.89
C GLN A 530 30.76 -3.38 0.31
N LEU A 531 31.01 -3.63 -0.97
CA LEU A 531 32.26 -3.24 -1.59
C LEU A 531 32.32 -1.72 -1.77
N SER A 532 33.53 -1.23 -2.04
CA SER A 532 33.75 0.19 -2.26
C SER A 532 33.37 0.58 -3.69
N GLY A 533 33.06 1.86 -3.87
CA GLY A 533 32.71 2.34 -5.19
C GLY A 533 33.81 2.08 -6.21
N GLY A 534 35.05 2.39 -5.84
CA GLY A 534 36.16 2.06 -6.71
C GLY A 534 36.27 0.57 -6.95
N GLN A 535 36.00 -0.24 -5.92
CA GLN A 535 35.97 -1.68 -6.11
C GLN A 535 34.91 -2.08 -7.12
N LYS A 536 33.73 -1.48 -7.04
CA LYS A 536 32.68 -1.78 -8.00
C LYS A 536 33.10 -1.40 -9.41
N GLN A 537 33.73 -0.23 -9.57
CA GLN A 537 34.17 0.19 -10.89
C GLN A 537 35.21 -0.77 -11.45
N ARG A 538 36.17 -1.18 -10.61
CA ARG A 538 37.18 -2.12 -11.07
C ARG A 538 36.56 -3.47 -11.46
N ILE A 539 35.60 -3.93 -10.66
CA ILE A 539 34.94 -5.20 -10.98
C ILE A 539 34.20 -5.09 -12.30
N ALA A 540 33.50 -3.97 -12.52
CA ALA A 540 32.81 -3.78 -13.80
C ALA A 540 33.79 -3.74 -14.95
N ILE A 541 34.93 -3.07 -14.75
CA ILE A 541 35.94 -3.00 -15.81
C ILE A 541 36.43 -4.41 -16.14
N ALA A 542 36.71 -5.22 -15.12
CA ALA A 542 37.16 -6.57 -15.36
C ALA A 542 36.09 -7.39 -16.09
N ARG A 543 34.84 -7.26 -15.68
CA ARG A 543 33.77 -8.01 -16.33
C ARG A 543 33.66 -7.61 -17.79
N ALA A 544 33.71 -6.31 -18.08
CA ALA A 544 33.65 -5.86 -19.46
C ALA A 544 34.82 -6.41 -20.26
N LEU A 545 36.03 -6.35 -19.69
CA LEU A 545 37.19 -6.90 -20.38
C LEU A 545 37.03 -8.40 -20.63
N VAL A 546 36.25 -9.07 -19.79
CA VAL A 546 36.02 -10.50 -19.97
C VAL A 546 35.36 -10.77 -21.31
N ARG A 547 34.46 -9.90 -21.73
CA ARG A 547 33.77 -10.09 -23.01
C ARG A 547 34.74 -10.07 -24.18
N ASN A 548 35.81 -9.28 -24.07
CA ASN A 548 36.77 -9.13 -25.17
C ASN A 548 36.04 -8.63 -26.42
N PRO A 549 35.38 -7.48 -26.35
CA PRO A 549 34.61 -7.01 -27.51
C PRO A 549 35.49 -6.32 -28.55
N LYS A 550 34.85 -5.97 -29.66
CA LYS A 550 35.49 -5.20 -30.72
C LYS A 550 35.32 -3.70 -30.56
N ILE A 551 34.65 -3.26 -29.49
CA ILE A 551 34.45 -1.84 -29.23
C ILE A 551 34.33 -1.63 -27.72
N LEU A 552 34.89 -0.53 -27.24
CA LEU A 552 34.91 -0.21 -25.81
C LEU A 552 34.42 1.21 -25.59
N LEU A 553 33.61 1.37 -24.55
CA LEU A 553 33.09 2.68 -24.18
C LEU A 553 33.26 2.88 -22.68
N LEU A 554 33.50 4.13 -22.29
CA LEU A 554 33.65 4.51 -20.89
C LEU A 554 32.93 5.83 -20.66
N ASP A 555 32.11 5.88 -19.60
CA ASP A 555 31.32 7.05 -19.29
C ASP A 555 31.59 7.47 -17.84
N GLU A 556 32.15 8.67 -17.67
CA GLU A 556 32.34 9.27 -16.36
C GLU A 556 33.02 8.29 -15.40
N ALA A 557 34.11 7.68 -15.87
CA ALA A 557 34.84 6.75 -15.02
C ALA A 557 35.35 7.42 -13.76
N THR A 558 35.78 8.68 -13.86
CA THR A 558 36.35 9.39 -12.71
C THR A 558 35.29 9.93 -11.77
N SER A 559 34.01 9.79 -12.10
CA SER A 559 32.95 10.33 -11.25
C SER A 559 33.21 10.02 -9.78
N ALA A 560 33.26 8.74 -9.43
CA ALA A 560 33.53 8.33 -8.06
C ALA A 560 34.99 7.95 -7.84
N LEU A 561 35.70 7.55 -8.90
CA LEU A 561 37.05 7.06 -8.75
C LEU A 561 37.95 8.09 -8.08
N ASP A 562 38.77 7.63 -7.13
CA ASP A 562 39.77 8.46 -6.51
C ASP A 562 40.96 8.62 -7.46
N THR A 563 41.93 9.44 -7.05
CA THR A 563 43.12 9.65 -7.88
C THR A 563 43.78 8.32 -8.21
N GLU A 564 44.06 7.51 -7.19
CA GLU A 564 44.67 6.20 -7.43
C GLU A 564 43.73 5.31 -8.24
N SER A 565 42.44 5.31 -7.90
CA SER A 565 41.49 4.49 -8.65
C SER A 565 41.40 4.93 -10.10
N GLU A 566 41.33 6.24 -10.34
CA GLU A 566 41.27 6.73 -11.70
C GLU A 566 42.54 6.38 -12.48
N ALA A 567 43.70 6.51 -11.84
CA ALA A 567 44.95 6.16 -12.51
C ALA A 567 44.99 4.67 -12.85
N VAL A 568 44.54 3.82 -11.93
CA VAL A 568 44.54 2.39 -12.19
C VAL A 568 43.60 2.06 -13.34
N VAL A 569 42.40 2.64 -13.34
CA VAL A 569 41.46 2.39 -14.41
C VAL A 569 42.03 2.85 -15.75
N GLN A 570 42.65 4.03 -15.77
CA GLN A 570 43.22 4.54 -17.00
C GLN A 570 44.35 3.64 -17.50
N VAL A 571 45.20 3.16 -16.59
CA VAL A 571 46.30 2.29 -17.00
C VAL A 571 45.74 0.99 -17.59
N ALA A 572 44.74 0.41 -16.91
CA ALA A 572 44.14 -0.82 -17.42
C ALA A 572 43.53 -0.61 -18.80
N LEU A 573 42.82 0.51 -18.98
CA LEU A 573 42.20 0.79 -20.28
C LEU A 573 43.26 1.00 -21.36
N ASP A 574 44.36 1.67 -21.01
CA ASP A 574 45.39 1.95 -22.00
C ASP A 574 46.14 0.69 -22.41
N LYS A 575 46.39 -0.21 -21.47
CA LYS A 575 47.12 -1.43 -21.80
C LYS A 575 46.38 -2.27 -22.83
N ALA A 576 45.07 -2.10 -22.99
CA ALA A 576 44.26 -2.93 -23.85
C ALA A 576 43.49 -2.17 -24.91
N ARG A 577 43.59 -0.83 -24.95
CA ARG A 577 42.86 -0.08 -25.96
C ARG A 577 43.27 -0.48 -27.36
N LYS A 578 44.51 -0.95 -27.54
CA LYS A 578 44.97 -1.35 -28.87
C LYS A 578 44.14 -2.49 -29.46
N GLY A 579 43.44 -3.25 -28.62
CA GLY A 579 42.68 -4.39 -29.10
C GLY A 579 41.37 -4.06 -29.80
N ARG A 580 40.90 -2.82 -29.68
CA ARG A 580 39.65 -2.43 -30.32
C ARG A 580 39.45 -0.94 -30.12
N THR A 581 38.66 -0.34 -31.01
CA THR A 581 38.36 1.08 -30.89
C THR A 581 37.72 1.36 -29.54
N THR A 582 38.15 2.46 -28.92
CA THR A 582 37.70 2.84 -27.60
C THR A 582 37.26 4.30 -27.59
N ILE A 583 36.22 4.58 -26.81
CA ILE A 583 35.71 5.93 -26.64
C ILE A 583 35.51 6.17 -25.15
N VAL A 584 35.88 7.37 -24.69
CA VAL A 584 35.81 7.70 -23.27
C VAL A 584 35.30 9.12 -23.11
N ILE A 585 34.37 9.31 -22.18
CA ILE A 585 33.86 10.62 -21.81
C ILE A 585 34.03 10.77 -20.31
N ALA A 586 34.86 11.73 -19.90
CA ALA A 586 35.14 11.93 -18.48
C ALA A 586 35.53 13.38 -18.24
N HIS A 587 35.51 13.78 -16.97
CA HIS A 587 35.83 15.14 -16.57
C HIS A 587 37.30 15.35 -16.26
N ARG A 588 38.10 14.29 -16.26
CA ARG A 588 39.54 14.38 -15.98
C ARG A 588 40.26 14.60 -17.31
N LEU A 589 40.54 15.86 -17.64
CA LEU A 589 41.23 16.17 -18.90
C LEU A 589 42.60 15.50 -18.97
N SER A 590 43.20 15.19 -17.82
CA SER A 590 44.47 14.47 -17.84
C SER A 590 44.32 13.12 -18.54
N THR A 591 43.22 12.42 -18.27
CA THR A 591 42.93 11.20 -19.02
C THR A 591 42.76 11.50 -20.51
N VAL A 592 42.34 12.73 -20.84
CA VAL A 592 42.25 13.14 -22.24
C VAL A 592 43.59 13.66 -22.77
N ARG A 593 44.57 13.90 -21.89
CA ARG A 593 45.87 14.37 -22.36
C ARG A 593 46.52 13.36 -23.29
N ASN A 594 46.36 12.08 -23.00
CA ASN A 594 46.87 11.01 -23.86
C ASN A 594 45.89 10.61 -24.95
N ALA A 595 44.73 11.27 -25.03
CA ALA A 595 43.74 10.94 -26.04
C ALA A 595 44.33 11.08 -27.44
N ASP A 596 44.34 9.99 -28.19
CA ASP A 596 44.88 10.03 -29.55
C ASP A 596 44.09 10.99 -30.43
N VAL A 597 42.76 10.95 -30.33
CA VAL A 597 41.89 11.82 -31.10
C VAL A 597 40.82 12.37 -30.16
N ILE A 598 40.54 13.67 -30.28
CA ILE A 598 39.57 14.35 -29.44
C ILE A 598 38.62 15.13 -30.33
N ALA A 599 37.32 15.02 -30.05
CA ALA A 599 36.30 15.78 -30.75
C ALA A 599 35.46 16.52 -29.72
N GLY A 600 35.09 17.76 -30.04
CA GLY A 600 34.36 18.58 -29.09
C GLY A 600 32.88 18.71 -29.42
N PHE A 601 32.04 18.04 -28.64
CA PHE A 601 30.60 18.13 -28.82
C PHE A 601 30.15 19.54 -28.44
N ASP A 602 29.55 20.25 -29.40
CA ASP A 602 29.13 21.64 -29.21
C ASP A 602 27.65 21.73 -29.55
N ASP A 603 26.81 21.77 -28.52
CA ASP A 603 25.36 21.92 -28.70
C ASP A 603 24.83 20.90 -29.71
N GLY A 604 25.30 19.66 -29.60
CA GLY A 604 24.90 18.62 -30.53
C GLY A 604 25.66 18.61 -31.83
N VAL A 605 26.70 19.43 -31.98
CA VAL A 605 27.51 19.48 -33.19
C VAL A 605 28.97 19.43 -32.77
N ILE A 606 29.72 18.52 -33.40
CA ILE A 606 31.15 18.41 -33.14
C ILE A 606 31.87 19.49 -33.94
N VAL A 607 32.66 20.31 -33.26
CA VAL A 607 33.36 21.42 -33.91
C VAL A 607 34.86 21.18 -33.84
N GLU A 608 35.40 21.08 -32.63
CA GLU A 608 36.82 20.83 -32.45
C GLU A 608 37.17 19.41 -32.90
N LYS A 609 38.34 19.28 -33.52
CA LYS A 609 38.81 17.97 -33.97
C LYS A 609 40.30 18.05 -34.22
N GLY A 610 41.06 17.19 -33.57
CA GLY A 610 42.50 17.15 -33.75
C GLY A 610 43.18 16.65 -32.50
N ASN A 611 44.51 16.57 -32.59
CA ASN A 611 45.32 16.08 -31.49
C ASN A 611 45.31 17.09 -30.34
N HIS A 612 45.90 16.69 -29.22
CA HIS A 612 45.94 17.56 -28.05
C HIS A 612 46.69 18.85 -28.35
N ASP A 613 47.83 18.75 -29.03
CA ASP A 613 48.58 19.95 -29.38
C ASP A 613 47.78 20.84 -30.32
N GLU A 614 47.18 20.24 -31.35
CA GLU A 614 46.38 21.02 -32.29
C GLU A 614 45.18 21.66 -31.60
N LEU A 615 44.52 20.90 -30.72
CA LEU A 615 43.37 21.45 -30.01
C LEU A 615 43.79 22.63 -29.13
N MET A 616 44.90 22.48 -28.41
CA MET A 616 45.38 23.57 -27.57
C MET A 616 45.73 24.80 -28.41
N LYS A 617 46.41 24.59 -29.54
CA LYS A 617 46.78 25.71 -30.39
C LYS A 617 45.55 26.42 -30.95
N GLU A 618 44.52 25.66 -31.31
CA GLU A 618 43.34 26.25 -31.91
C GLU A 618 42.68 27.27 -31.01
N LYS A 619 42.93 27.21 -29.70
CA LYS A 619 42.33 28.14 -28.74
C LYS A 619 40.81 28.02 -28.72
N GLY A 620 40.31 26.83 -29.04
CA GLY A 620 38.88 26.58 -29.11
C GLY A 620 38.30 25.99 -27.85
N ILE A 621 37.26 25.18 -28.01
CA ILE A 621 36.59 24.57 -26.87
C ILE A 621 37.57 23.71 -26.08
N TYR A 622 38.43 22.96 -26.78
CA TYR A 622 39.42 22.14 -26.09
C TYR A 622 40.36 23.01 -25.27
N PHE A 623 40.83 24.11 -25.85
CA PHE A 623 41.74 24.99 -25.12
C PHE A 623 41.04 25.62 -23.91
N LYS A 624 39.79 26.05 -24.09
CA LYS A 624 39.06 26.64 -22.97
C LYS A 624 38.85 25.62 -21.85
N LEU A 625 38.50 24.38 -22.20
CA LEU A 625 38.34 23.35 -21.20
C LEU A 625 39.65 23.07 -20.49
N VAL A 626 40.76 23.03 -21.24
CA VAL A 626 42.06 22.80 -20.62
C VAL A 626 42.40 23.93 -19.66
N THR A 627 42.15 25.17 -20.07
CA THR A 627 42.43 26.30 -19.19
C THR A 627 41.57 26.23 -17.93
N MET A 628 40.30 25.88 -18.06
CA MET A 628 39.45 25.73 -16.89
C MET A 628 39.98 24.64 -15.97
N GLN A 629 40.41 23.52 -16.53
CA GLN A 629 41.00 22.46 -15.71
C GLN A 629 42.27 22.94 -15.03
N THR A 630 42.98 23.89 -15.66
CA THR A 630 44.19 24.42 -15.05
C THR A 630 43.97 25.16 -13.74
N ALA A 631 42.72 25.53 -13.43
CA ALA A 631 42.42 26.25 -12.20
C ALA A 631 42.98 25.53 -10.99
N ILE A 692 5.34 -6.66 15.26
CA ILE A 692 6.12 -5.86 16.21
C ILE A 692 5.26 -5.22 17.31
N PRO A 693 4.04 -4.77 17.02
CA PRO A 693 3.29 -4.03 18.04
C PRO A 693 2.83 -4.97 19.15
N PRO A 694 3.14 -4.66 20.40
CA PRO A 694 2.71 -5.54 21.50
C PRO A 694 1.19 -5.66 21.55
N VAL A 695 0.71 -6.88 21.40
CA VAL A 695 -0.73 -7.12 21.36
C VAL A 695 -1.30 -6.99 22.77
N SER A 696 -2.46 -6.34 22.87
CA SER A 696 -3.20 -6.21 24.12
C SER A 696 -4.43 -7.10 24.07
N PHE A 697 -4.76 -7.70 25.21
CA PHE A 697 -5.80 -8.73 25.23
C PHE A 697 -7.21 -8.14 25.24
N TRP A 698 -7.58 -7.46 26.34
CA TRP A 698 -8.95 -7.03 26.50
C TRP A 698 -9.08 -5.62 27.07
N ARG A 699 -7.99 -4.86 27.13
CA ARG A 699 -8.09 -3.48 27.63
C ARG A 699 -9.06 -2.64 26.81
N ILE A 700 -9.33 -3.04 25.56
CA ILE A 700 -10.31 -2.32 24.76
C ILE A 700 -11.66 -2.30 25.47
N MET A 701 -12.06 -3.43 26.05
CA MET A 701 -13.29 -3.45 26.82
C MET A 701 -13.20 -2.50 28.01
N LYS A 702 -12.03 -2.42 28.63
CA LYS A 702 -11.86 -1.49 29.74
C LYS A 702 -12.11 -0.06 29.28
N LEU A 703 -11.60 0.30 28.11
CA LEU A 703 -11.87 1.63 27.56
C LEU A 703 -13.35 1.81 27.29
N ASN A 704 -13.99 0.80 26.68
CA ASN A 704 -15.39 0.92 26.30
C ASN A 704 -16.33 0.93 27.50
N LEU A 705 -15.85 0.50 28.67
CA LEU A 705 -16.73 0.36 29.83
C LEU A 705 -17.48 1.64 30.16
N THR A 706 -16.89 2.80 29.83
CA THR A 706 -17.52 4.07 30.19
C THR A 706 -18.95 4.14 29.69
N GLU A 707 -19.24 3.58 28.52
CA GLU A 707 -20.61 3.53 28.00
C GLU A 707 -21.30 2.24 28.40
N TRP A 708 -21.28 1.93 29.69
CA TRP A 708 -21.85 0.67 30.16
C TRP A 708 -23.34 0.54 29.87
N PRO A 709 -24.19 1.51 30.23
CA PRO A 709 -25.63 1.30 30.09
C PRO A 709 -26.13 1.33 28.66
N TYR A 710 -25.32 1.78 27.70
CA TYR A 710 -25.73 1.78 26.31
C TYR A 710 -25.60 0.42 25.64
N PHE A 711 -25.00 -0.57 26.33
CA PHE A 711 -24.77 -1.88 25.76
C PHE A 711 -25.72 -2.96 26.28
N VAL A 712 -26.16 -2.86 27.53
CA VAL A 712 -27.00 -3.91 28.10
C VAL A 712 -28.25 -4.11 27.27
N VAL A 713 -28.90 -3.01 26.87
CA VAL A 713 -30.07 -3.13 26.01
C VAL A 713 -29.71 -3.84 24.71
N GLY A 714 -28.53 -3.55 24.17
CA GLY A 714 -28.09 -4.27 22.98
C GLY A 714 -27.94 -5.75 23.22
N VAL A 715 -27.38 -6.13 24.37
CA VAL A 715 -27.24 -7.55 24.68
C VAL A 715 -28.60 -8.20 24.78
N PHE A 716 -29.56 -7.54 25.42
CA PHE A 716 -30.91 -8.09 25.52
C PHE A 716 -31.53 -8.27 24.14
N CYS A 717 -31.39 -7.27 23.27
CA CYS A 717 -31.94 -7.37 21.93
C CYS A 717 -31.29 -8.51 21.14
N ALA A 718 -29.97 -8.65 21.26
CA ALA A 718 -29.29 -9.74 20.58
C ALA A 718 -29.77 -11.09 21.08
N ILE A 719 -29.95 -11.22 22.40
CA ILE A 719 -30.48 -12.47 22.95
C ILE A 719 -31.88 -12.72 22.39
N ILE A 720 -32.68 -11.66 22.28
CA ILE A 720 -34.03 -11.82 21.76
C ILE A 720 -34.00 -12.35 20.34
N ASN A 721 -33.14 -11.78 19.49
CA ASN A 721 -33.04 -12.24 18.11
C ASN A 721 -32.52 -13.67 18.04
N GLY A 722 -31.51 -13.98 18.85
CA GLY A 722 -30.96 -15.32 18.86
C GLY A 722 -31.97 -16.37 19.29
N GLY A 723 -32.85 -16.01 20.22
CA GLY A 723 -33.96 -16.89 20.54
C GLY A 723 -35.04 -16.93 19.47
N LEU A 724 -35.26 -15.81 18.79
CA LEU A 724 -36.29 -15.76 17.77
C LEU A 724 -35.97 -16.69 16.60
N GLN A 725 -34.69 -16.77 16.22
CA GLN A 725 -34.33 -17.66 15.11
C GLN A 725 -34.77 -19.10 15.38
N PRO A 726 -34.40 -19.73 16.50
CA PRO A 726 -35.02 -21.02 16.83
C PRO A 726 -36.51 -20.92 16.99
N ALA A 727 -37.04 -19.74 17.34
CA ALA A 727 -38.48 -19.57 17.36
C ALA A 727 -39.07 -19.80 15.98
N PHE A 728 -38.45 -19.23 14.95
CA PHE A 728 -38.89 -19.47 13.59
C PHE A 728 -38.74 -20.95 13.23
N ALA A 729 -37.63 -21.55 13.64
CA ALA A 729 -37.44 -22.98 13.36
C ALA A 729 -38.58 -23.80 13.95
N ILE A 730 -38.90 -23.56 15.22
CA ILE A 730 -39.94 -24.34 15.90
C ILE A 730 -41.30 -24.05 15.30
N ILE A 731 -41.55 -22.81 14.91
CA ILE A 731 -42.83 -22.47 14.28
C ILE A 731 -42.98 -23.26 12.98
N PHE A 732 -41.93 -23.29 12.17
CA PHE A 732 -41.99 -24.08 10.94
C PHE A 732 -42.20 -25.55 11.25
N SER A 733 -41.50 -26.05 12.27
CA SER A 733 -41.66 -27.45 12.66
C SER A 733 -43.11 -27.76 12.99
N LYS A 734 -43.72 -26.94 13.84
CA LYS A 734 -45.11 -27.17 14.21
C LYS A 734 -46.04 -27.06 13.02
N ILE A 735 -45.80 -26.09 12.13
CA ILE A 735 -46.66 -25.93 10.97
C ILE A 735 -46.61 -27.18 10.10
N ILE A 736 -45.41 -27.71 9.88
CA ILE A 736 -45.29 -28.94 9.10
C ILE A 736 -45.97 -30.11 9.83
N GLY A 737 -45.73 -30.22 11.13
CA GLY A 737 -46.32 -31.31 11.89
C GLY A 737 -47.84 -31.27 11.89
N VAL A 738 -48.41 -30.09 11.67
CA VAL A 738 -49.87 -29.98 11.60
C VAL A 738 -50.46 -31.06 10.72
N PHE A 739 -49.71 -31.49 9.70
CA PHE A 739 -50.09 -32.66 8.90
C PHE A 739 -49.45 -33.93 9.44
N THR A 740 -49.64 -34.20 10.74
CA THR A 740 -49.10 -35.39 11.38
C THR A 740 -50.13 -36.01 12.31
N ARG A 741 -51.37 -36.11 11.86
CA ARG A 741 -52.42 -36.72 12.65
C ARG A 741 -53.50 -37.26 11.72
N ILE A 742 -54.21 -38.29 12.19
CA ILE A 742 -55.26 -38.93 11.39
C ILE A 742 -56.62 -38.27 11.58
N ASP A 743 -56.75 -37.33 12.51
CA ASP A 743 -58.06 -36.73 12.78
C ASP A 743 -58.61 -36.03 11.54
N ASP A 744 -57.76 -35.30 10.83
CA ASP A 744 -58.16 -34.53 9.66
C ASP A 744 -59.38 -33.64 9.94
N PRO A 745 -59.31 -32.76 10.93
CA PRO A 745 -60.39 -31.82 11.16
C PRO A 745 -60.15 -30.49 10.44
N GLU A 746 -61.25 -29.82 10.12
CA GLU A 746 -61.14 -28.46 9.60
C GLU A 746 -60.44 -27.54 10.59
N THR A 747 -60.55 -27.83 11.89
CA THR A 747 -59.83 -27.05 12.89
C THR A 747 -58.34 -27.02 12.58
N LYS A 748 -57.80 -28.13 12.08
CA LYS A 748 -56.40 -28.15 11.67
C LYS A 748 -56.08 -26.98 10.75
N ARG A 749 -56.90 -26.80 9.72
CA ARG A 749 -56.77 -25.62 8.87
C ARG A 749 -56.62 -24.37 9.72
N GLN A 750 -57.62 -24.09 10.56
CA GLN A 750 -57.54 -22.95 11.46
C GLN A 750 -56.24 -23.00 12.25
N ASN A 751 -55.96 -24.14 12.87
CA ASN A 751 -54.70 -24.28 13.61
C ASN A 751 -53.52 -23.93 12.71
N SER A 752 -53.49 -24.50 11.51
CA SER A 752 -52.46 -24.14 10.55
C SER A 752 -52.46 -22.63 10.33
N ASN A 753 -53.63 -22.08 10.02
CA ASN A 753 -53.73 -20.63 9.88
C ASN A 753 -53.15 -19.94 11.10
N LEU A 754 -53.54 -20.41 12.29
CA LEU A 754 -53.00 -19.83 13.52
C LEU A 754 -51.48 -19.83 13.48
N PHE A 755 -50.88 -21.00 13.19
CA PHE A 755 -49.44 -21.06 13.09
C PHE A 755 -48.92 -20.02 12.12
N SER A 756 -49.52 -19.95 10.93
CA SER A 756 -49.10 -18.97 9.95
C SER A 756 -49.06 -17.57 10.56
N LEU A 757 -50.13 -17.20 11.28
CA LEU A 757 -50.17 -15.89 11.90
C LEU A 757 -48.95 -15.69 12.78
N LEU A 758 -48.67 -16.65 13.66
CA LEU A 758 -47.50 -16.51 14.53
C LEU A 758 -46.25 -16.25 13.71
N PHE A 759 -46.11 -16.95 12.59
CA PHE A 759 -44.95 -16.73 11.73
C PHE A 759 -44.80 -15.26 11.39
N LEU A 760 -45.87 -14.65 10.89
CA LEU A 760 -45.79 -13.23 10.56
C LEU A 760 -45.45 -12.41 11.80
N ALA A 761 -46.07 -12.73 12.93
CA ALA A 761 -45.72 -12.05 14.18
C ALA A 761 -44.25 -12.26 14.50
N LEU A 762 -43.74 -13.47 14.29
CA LEU A 762 -42.33 -13.73 14.49
C LEU A 762 -41.49 -12.70 13.75
N GLY A 763 -41.89 -12.35 12.53
CA GLY A 763 -41.15 -11.33 11.80
C GLY A 763 -41.17 -9.99 12.50
N ILE A 764 -42.36 -9.56 12.93
CA ILE A 764 -42.47 -8.25 13.56
C ILE A 764 -41.59 -8.19 14.81
N ILE A 765 -41.70 -9.21 15.66
CA ILE A 765 -40.88 -9.25 16.86
C ILE A 765 -39.41 -9.14 16.50
N SER A 766 -39.02 -9.75 15.38
CA SER A 766 -37.64 -9.62 14.94
C SER A 766 -37.33 -8.20 14.49
N PHE A 767 -38.20 -7.63 13.66
CA PHE A 767 -37.92 -6.33 13.05
C PHE A 767 -37.50 -5.32 14.10
N ILE A 768 -38.41 -4.98 15.02
CA ILE A 768 -38.09 -4.03 16.07
C ILE A 768 -36.86 -4.50 16.82
N THR A 769 -36.83 -5.79 17.18
CA THR A 769 -35.65 -6.35 17.81
C THR A 769 -34.39 -5.93 17.08
N PHE A 770 -34.32 -6.23 15.77
CA PHE A 770 -33.15 -5.88 14.99
C PHE A 770 -32.83 -4.39 15.14
N PHE A 771 -33.85 -3.55 15.01
CA PHE A 771 -33.63 -2.11 15.13
C PHE A 771 -32.90 -1.79 16.42
N LEU A 772 -33.35 -2.37 17.54
CA LEU A 772 -32.71 -2.09 18.81
C LEU A 772 -31.19 -2.27 18.71
N GLN A 773 -30.76 -3.36 18.09
CA GLN A 773 -29.33 -3.61 17.97
C GLN A 773 -28.62 -2.39 17.39
N GLY A 774 -29.11 -1.90 16.24
CA GLY A 774 -28.50 -0.74 15.65
C GLY A 774 -28.48 0.44 16.59
N PHE A 775 -29.61 0.70 17.26
CA PHE A 775 -29.66 1.77 18.23
C PHE A 775 -28.77 1.46 19.43
N THR A 776 -28.75 0.19 19.85
CA THR A 776 -28.00 -0.16 21.04
C THR A 776 -26.50 -0.17 20.77
N PHE A 777 -26.09 -0.72 19.63
CA PHE A 777 -24.67 -0.82 19.33
C PHE A 777 -24.19 0.42 18.58
N GLY A 778 -24.80 0.71 17.44
CA GLY A 778 -24.36 1.77 16.56
C GLY A 778 -23.92 3.02 17.29
N LYS A 779 -24.85 3.63 18.03
CA LYS A 779 -24.50 4.82 18.80
C LYS A 779 -23.25 4.58 19.64
N ALA A 780 -23.33 3.60 20.55
CA ALA A 780 -22.17 3.29 21.38
C ALA A 780 -20.95 3.04 20.52
N GLY A 781 -21.13 2.39 19.37
CA GLY A 781 -20.06 2.28 18.41
C GLY A 781 -19.59 3.64 17.95
N GLU A 782 -20.45 4.38 17.26
CA GLU A 782 -20.05 5.69 16.75
C GLU A 782 -19.56 6.56 17.88
N ILE A 783 -20.35 6.66 18.95
CA ILE A 783 -19.92 7.41 20.13
C ILE A 783 -18.51 7.02 20.51
N LEU A 784 -18.26 5.71 20.63
CA LEU A 784 -16.93 5.25 21.01
C LEU A 784 -15.88 5.85 20.08
N THR A 785 -16.08 5.70 18.77
CA THR A 785 -15.13 6.26 17.81
C THR A 785 -14.90 7.73 18.14
N LYS A 786 -15.98 8.49 18.30
CA LYS A 786 -15.85 9.90 18.65
C LYS A 786 -14.87 10.06 19.79
N ARG A 787 -15.18 9.44 20.93
CA ARG A 787 -14.30 9.56 22.07
C ARG A 787 -12.87 9.16 21.67
N LEU A 788 -12.74 8.00 21.06
CA LEU A 788 -11.42 7.55 20.63
C LEU A 788 -10.75 8.61 19.78
N ARG A 789 -11.47 9.12 18.78
CA ARG A 789 -10.87 10.09 17.86
C ARG A 789 -10.39 11.32 18.63
N TYR A 790 -11.16 11.76 19.63
CA TYR A 790 -10.70 12.86 20.46
C TYR A 790 -9.53 12.43 21.34
N MET A 791 -9.62 11.24 21.93
CA MET A 791 -8.54 10.80 22.81
C MET A 791 -7.25 10.62 22.04
N VAL A 792 -7.29 9.84 20.95
CA VAL A 792 -6.06 9.55 20.22
C VAL A 792 -5.43 10.84 19.73
N PHE A 793 -6.21 11.69 19.07
CA PHE A 793 -5.68 12.95 18.57
C PHE A 793 -5.07 13.76 19.70
N ARG A 794 -5.65 13.68 20.90
CA ARG A 794 -5.10 14.40 22.04
C ARG A 794 -3.63 14.07 22.22
N SER A 795 -3.27 12.79 22.11
CA SER A 795 -1.87 12.41 22.16
C SER A 795 -1.17 12.77 20.85
N MET A 796 -1.85 12.58 19.72
CA MET A 796 -1.23 12.84 18.43
C MET A 796 -0.65 14.25 18.38
N LEU A 797 -1.41 15.23 18.88
CA LEU A 797 -0.88 16.59 18.94
C LEU A 797 0.21 16.72 20.01
N ARG A 798 0.09 15.98 21.11
CA ARG A 798 1.05 16.06 22.20
C ARG A 798 2.09 14.96 22.04
N GLN A 799 3.02 15.19 21.11
CA GLN A 799 4.11 14.27 20.86
C GLN A 799 5.34 15.07 20.42
N ASP A 800 6.51 14.46 20.61
CA ASP A 800 7.75 15.09 20.20
C ASP A 800 7.90 15.03 18.68
N VAL A 801 8.66 15.99 18.15
CA VAL A 801 8.86 16.05 16.70
C VAL A 801 9.51 14.77 16.20
N SER A 802 10.33 14.12 17.02
CA SER A 802 11.06 12.94 16.57
C SER A 802 10.10 11.83 16.14
N TRP A 803 9.05 11.60 16.93
CA TRP A 803 8.13 10.51 16.60
C TRP A 803 7.48 10.73 15.25
N PHE A 804 7.06 11.97 14.95
CA PHE A 804 6.57 12.27 13.62
C PHE A 804 7.67 12.06 12.57
N ASP A 805 8.90 12.41 12.92
CA ASP A 805 10.03 12.18 12.03
C ASP A 805 10.34 10.71 11.83
N ASP A 806 9.74 9.83 12.64
CA ASP A 806 9.98 8.40 12.49
C ASP A 806 9.51 7.94 11.11
N PRO A 807 10.29 7.13 10.39
CA PRO A 807 9.86 6.69 9.07
C PRO A 807 8.59 5.85 9.07
N LYS A 808 8.17 5.35 10.23
CA LYS A 808 6.98 4.51 10.28
C LYS A 808 5.77 5.21 9.69
N ASN A 809 5.49 6.43 10.14
CA ASN A 809 4.35 7.20 9.64
C ASN A 809 4.60 8.66 9.96
N THR A 810 4.60 9.51 8.94
CA THR A 810 4.93 10.92 9.11
C THR A 810 3.75 11.83 8.82
N THR A 811 3.17 11.77 7.62
CA THR A 811 2.16 12.74 7.20
C THR A 811 0.81 12.11 6.91
N GLY A 812 0.76 11.10 6.05
CA GLY A 812 -0.51 10.51 5.65
C GLY A 812 -0.82 9.23 6.37
N ALA A 813 0.21 8.39 6.56
CA ALA A 813 0.00 7.11 7.22
C ALA A 813 -0.64 7.29 8.59
N LEU A 814 -0.28 8.37 9.29
CA LEU A 814 -0.87 8.62 10.61
C LEU A 814 -2.34 8.96 10.51
N THR A 815 -2.69 9.86 9.58
CA THR A 815 -4.08 10.24 9.41
C THR A 815 -4.92 9.06 8.96
N THR A 816 -4.42 8.29 7.99
CA THR A 816 -5.12 7.10 7.54
C THR A 816 -5.25 6.09 8.68
N ARG A 817 -4.21 5.97 9.50
CA ARG A 817 -4.28 5.11 10.67
C ARG A 817 -5.45 5.51 11.56
N LEU A 818 -5.55 6.79 11.91
CA LEU A 818 -6.64 7.24 12.75
C LEU A 818 -7.99 6.97 12.09
N ALA A 819 -8.10 7.31 10.80
CA ALA A 819 -9.39 7.20 10.11
C ALA A 819 -9.87 5.76 10.06
N ASN A 820 -9.02 4.84 9.59
CA ASN A 820 -9.42 3.44 9.53
C ASN A 820 -9.60 2.87 10.94
N ASP A 821 -8.76 3.29 11.88
CA ASP A 821 -8.84 2.79 13.24
C ASP A 821 -10.18 3.10 13.88
N ALA A 822 -10.76 4.26 13.58
CA ALA A 822 -12.09 4.54 14.11
C ALA A 822 -13.01 3.34 13.90
N ALA A 823 -13.24 2.99 12.63
CA ALA A 823 -14.13 1.88 12.32
C ALA A 823 -13.60 0.56 12.87
N GLN A 824 -12.27 0.35 12.80
CA GLN A 824 -11.72 -0.92 13.27
C GLN A 824 -12.05 -1.14 14.74
N VAL A 825 -11.77 -0.14 15.58
CA VAL A 825 -12.01 -0.28 17.01
C VAL A 825 -13.50 -0.37 17.30
N LYS A 826 -14.31 0.43 16.62
CA LYS A 826 -15.75 0.33 16.81
C LYS A 826 -16.22 -1.10 16.58
N GLY A 827 -15.79 -1.69 15.46
CA GLY A 827 -16.14 -3.07 15.18
C GLY A 827 -15.67 -4.00 16.27
N ALA A 828 -14.37 -3.93 16.61
CA ALA A 828 -13.80 -4.87 17.57
C ALA A 828 -14.58 -4.85 18.87
N ILE A 829 -14.90 -3.66 19.38
CA ILE A 829 -15.62 -3.57 20.64
C ILE A 829 -17.05 -4.07 20.49
N GLY A 830 -17.81 -3.48 19.57
CA GLY A 830 -19.23 -3.73 19.54
C GLY A 830 -19.63 -4.99 18.80
N SER A 831 -19.24 -5.10 17.53
CA SER A 831 -19.73 -6.18 16.70
C SER A 831 -19.24 -7.53 17.20
N ARG A 832 -18.04 -7.59 17.75
CA ARG A 832 -17.55 -8.86 18.29
C ARG A 832 -18.47 -9.37 19.39
N LEU A 833 -18.77 -8.51 20.37
CA LEU A 833 -19.66 -8.91 21.45
C LEU A 833 -21.04 -9.25 20.91
N ALA A 834 -21.55 -8.44 19.99
CA ALA A 834 -22.88 -8.70 19.44
C ALA A 834 -22.94 -10.07 18.80
N VAL A 835 -22.01 -10.36 17.89
CA VAL A 835 -22.03 -11.62 17.17
C VAL A 835 -21.83 -12.78 18.14
N ILE A 836 -20.88 -12.66 19.07
CA ILE A 836 -20.62 -13.75 20.00
C ILE A 836 -21.87 -14.06 20.81
N THR A 837 -22.47 -13.04 21.42
CA THR A 837 -23.65 -13.26 22.24
C THR A 837 -24.79 -13.82 21.43
N GLN A 838 -25.05 -13.25 20.25
CA GLN A 838 -26.17 -13.70 19.44
C GLN A 838 -26.00 -15.15 19.01
N ASN A 839 -24.82 -15.50 18.51
CA ASN A 839 -24.58 -16.87 18.08
C ASN A 839 -24.67 -17.84 19.25
N ILE A 840 -24.11 -17.47 20.40
CA ILE A 840 -24.16 -18.34 21.56
C ILE A 840 -25.61 -18.56 21.98
N ALA A 841 -26.40 -17.48 22.00
CA ALA A 841 -27.81 -17.61 22.36
C ALA A 841 -28.54 -18.50 21.39
N ASN A 842 -28.29 -18.33 20.10
CA ASN A 842 -28.98 -19.16 19.10
C ASN A 842 -28.63 -20.63 19.30
N LEU A 843 -27.34 -20.93 19.45
CA LEU A 843 -26.93 -22.33 19.62
C LEU A 843 -27.51 -22.92 20.90
N GLY A 844 -27.45 -22.16 22.00
CA GLY A 844 -27.99 -22.66 23.26
C GLY A 844 -29.48 -22.89 23.20
N THR A 845 -30.22 -21.96 22.59
CA THR A 845 -31.66 -22.13 22.46
C THR A 845 -31.98 -23.34 21.60
N GLY A 846 -31.25 -23.53 20.49
CA GLY A 846 -31.47 -24.72 19.68
C GLY A 846 -31.21 -25.99 20.44
N ILE A 847 -30.11 -26.04 21.20
CA ILE A 847 -29.78 -27.23 21.96
C ILE A 847 -30.85 -27.51 23.01
N ILE A 848 -31.29 -26.46 23.72
CA ILE A 848 -32.29 -26.65 24.75
C ILE A 848 -33.60 -27.13 24.15
N ILE A 849 -34.01 -26.54 23.03
CA ILE A 849 -35.25 -26.96 22.37
C ILE A 849 -35.14 -28.43 21.95
N SER A 850 -34.00 -28.80 21.37
CA SER A 850 -33.82 -30.19 20.94
C SER A 850 -33.93 -31.13 22.14
N PHE A 851 -33.23 -30.81 23.23
CA PHE A 851 -33.28 -31.67 24.41
C PHE A 851 -34.70 -31.77 24.94
N ILE A 852 -35.44 -30.66 24.95
CA ILE A 852 -36.82 -30.70 25.42
C ILE A 852 -37.65 -31.62 24.53
N TYR A 853 -37.46 -31.52 23.22
CA TYR A 853 -38.21 -32.32 22.26
C TYR A 853 -37.40 -33.50 21.72
N GLY A 854 -36.25 -33.79 22.31
CA GLY A 854 -35.43 -34.90 21.85
C GLY A 854 -34.51 -35.39 22.94
N TRP A 855 -34.15 -36.66 22.87
CA TRP A 855 -33.30 -37.26 23.90
C TRP A 855 -32.20 -38.11 23.29
N GLN A 856 -32.40 -38.62 22.07
CA GLN A 856 -31.43 -39.49 21.42
C GLN A 856 -30.83 -38.82 20.18
N LEU A 857 -31.66 -38.40 19.23
CA LEU A 857 -31.14 -37.75 18.03
C LEU A 857 -30.42 -36.45 18.38
N THR A 858 -30.78 -35.83 19.52
CA THR A 858 -30.13 -34.60 19.92
C THR A 858 -28.63 -34.78 20.05
N LEU A 859 -28.21 -35.86 20.70
CA LEU A 859 -26.78 -36.13 20.83
C LEU A 859 -26.13 -36.36 19.47
N LEU A 860 -26.81 -37.10 18.59
CA LEU A 860 -26.26 -37.34 17.26
C LEU A 860 -26.01 -36.02 16.54
N LEU A 861 -26.98 -35.11 16.57
CA LEU A 861 -26.81 -33.82 15.93
C LEU A 861 -25.70 -33.02 16.60
N LEU A 862 -25.69 -32.98 17.94
CA LEU A 862 -24.67 -32.20 18.64
C LEU A 862 -23.27 -32.74 18.37
N ALA A 863 -23.15 -34.00 18.00
CA ALA A 863 -21.86 -34.55 17.64
C ALA A 863 -21.51 -34.32 16.18
N ILE A 864 -22.49 -34.42 15.28
CA ILE A 864 -22.20 -34.30 13.85
C ILE A 864 -22.01 -32.84 13.46
N VAL A 865 -23.03 -32.01 13.69
CA VAL A 865 -23.01 -30.64 13.18
C VAL A 865 -21.74 -29.89 13.60
N PRO A 866 -21.33 -29.90 14.87
CA PRO A 866 -20.05 -29.25 15.20
C PRO A 866 -18.88 -29.84 14.46
N ILE A 867 -18.94 -31.12 14.09
CA ILE A 867 -17.89 -31.67 13.24
C ILE A 867 -17.84 -30.93 11.91
N ILE A 868 -19.01 -30.68 11.32
CA ILE A 868 -19.07 -29.92 10.08
C ILE A 868 -18.55 -28.51 10.29
N ALA A 869 -18.90 -27.89 11.42
CA ALA A 869 -18.43 -26.54 11.70
C ALA A 869 -16.90 -26.51 11.78
N ILE A 870 -16.32 -27.49 12.49
CA ILE A 870 -14.87 -27.56 12.60
C ILE A 870 -14.25 -27.76 11.21
N ALA A 871 -14.86 -28.62 10.40
CA ALA A 871 -14.34 -28.85 9.05
C ALA A 871 -14.33 -27.55 8.25
N GLY A 872 -15.42 -26.79 8.30
CA GLY A 872 -15.48 -25.54 7.55
C GLY A 872 -14.48 -24.51 8.04
N VAL A 873 -14.36 -24.36 9.36
CA VAL A 873 -13.40 -23.42 9.91
C VAL A 873 -11.98 -23.82 9.49
N VAL A 874 -11.69 -25.13 9.56
CA VAL A 874 -10.37 -25.61 9.16
C VAL A 874 -10.14 -25.33 7.68
N GLU A 875 -11.18 -25.48 6.86
CA GLU A 875 -11.05 -25.19 5.43
C GLU A 875 -10.68 -23.73 5.21
N MET A 876 -11.38 -22.82 5.89
CA MET A 876 -11.07 -21.40 5.74
C MET A 876 -9.65 -21.09 6.19
N LYS A 877 -9.26 -21.63 7.34
CA LYS A 877 -7.91 -21.37 7.86
C LYS A 877 -6.86 -21.94 6.93
N MET A 878 -7.09 -23.13 6.38
CA MET A 878 -6.14 -23.72 5.45
C MET A 878 -6.03 -22.89 4.19
N LEU A 879 -7.17 -22.38 3.68
CA LEU A 879 -7.12 -21.52 2.51
C LEU A 879 -6.26 -20.29 2.78
N SER A 880 -6.48 -19.63 3.92
CA SER A 880 -5.71 -18.43 4.23
C SER A 880 -4.22 -18.75 4.36
N GLY A 881 -3.89 -19.78 5.13
CA GLY A 881 -2.51 -20.13 5.32
C GLY A 881 -1.81 -20.51 4.02
N GLN A 882 -2.49 -21.27 3.17
CA GLN A 882 -1.92 -21.66 1.89
C GLN A 882 -1.72 -20.43 1.00
N ALA A 883 -2.67 -19.50 1.03
CA ALA A 883 -2.49 -18.27 0.25
C ALA A 883 -1.24 -17.52 0.71
N LEU A 884 -1.05 -17.40 2.02
CA LEU A 884 0.13 -16.69 2.52
C LEU A 884 1.42 -17.42 2.16
N LYS A 885 1.42 -18.75 2.29
CA LYS A 885 2.61 -19.53 1.98
C LYS A 885 2.98 -19.38 0.50
N ASP A 886 1.98 -19.49 -0.38
CA ASP A 886 2.23 -19.28 -1.80
C ASP A 886 2.73 -17.86 -2.06
N LYS A 887 2.15 -16.88 -1.37
CA LYS A 887 2.61 -15.50 -1.51
C LYS A 887 4.10 -15.40 -1.25
N LYS A 888 4.56 -15.95 -0.13
CA LYS A 888 5.98 -15.86 0.20
C LYS A 888 6.84 -16.64 -0.80
N GLU A 889 6.42 -17.86 -1.13
CA GLU A 889 7.20 -18.69 -2.04
C GLU A 889 7.39 -18.00 -3.39
N LEU A 890 6.32 -17.39 -3.91
CA LEU A 890 6.43 -16.66 -5.16
C LEU A 890 7.19 -15.35 -4.97
N GLU A 891 7.06 -14.72 -3.80
CA GLU A 891 7.76 -13.47 -3.56
C GLU A 891 9.27 -13.66 -3.59
N GLY A 892 9.74 -14.86 -3.31
CA GLY A 892 11.15 -15.15 -3.56
C GLY A 892 11.57 -14.80 -4.98
N SER A 893 10.97 -15.50 -5.95
CA SER A 893 11.26 -15.22 -7.35
C SER A 893 10.88 -13.80 -7.72
N GLY A 894 9.89 -13.22 -7.03
CA GLY A 894 9.54 -11.84 -7.29
C GLY A 894 10.66 -10.88 -6.94
N LYS A 895 11.32 -11.10 -5.80
CA LYS A 895 12.48 -10.31 -5.44
C LYS A 895 13.61 -10.53 -6.44
N ILE A 896 13.78 -11.76 -6.90
CA ILE A 896 14.77 -12.02 -7.95
C ILE A 896 14.47 -11.16 -9.18
N ALA A 897 13.21 -11.15 -9.61
CA ALA A 897 12.82 -10.38 -10.78
C ALA A 897 12.98 -8.89 -10.54
N THR A 898 12.69 -8.41 -9.33
CA THR A 898 12.89 -7.00 -9.02
C THR A 898 14.36 -6.63 -9.11
N GLU A 899 15.24 -7.49 -8.59
CA GLU A 899 16.67 -7.25 -8.77
C GLU A 899 17.05 -7.25 -10.24
N ALA A 900 16.37 -8.06 -11.04
CA ALA A 900 16.64 -8.06 -12.49
C ALA A 900 16.24 -6.74 -13.13
N ILE A 901 15.02 -6.28 -12.88
CA ILE A 901 14.49 -5.12 -13.57
C ILE A 901 15.12 -3.83 -13.07
N GLU A 902 15.38 -3.73 -11.76
CA GLU A 902 15.89 -2.48 -11.21
C GLU A 902 17.10 -1.99 -11.99
N ASN A 903 18.08 -2.86 -12.19
CA ASN A 903 19.22 -2.55 -13.06
C ASN A 903 18.97 -3.03 -14.48
N PHE A 904 17.83 -2.64 -15.05
CA PHE A 904 17.49 -3.10 -16.40
C PHE A 904 18.50 -2.61 -17.42
N ARG A 905 19.00 -1.39 -17.26
CA ARG A 905 19.96 -0.85 -18.21
C ARG A 905 21.18 -1.75 -18.33
N THR A 906 21.80 -2.07 -17.19
CA THR A 906 22.98 -2.93 -17.22
C THR A 906 22.65 -4.31 -17.76
N VAL A 907 21.52 -4.88 -17.34
CA VAL A 907 21.16 -6.23 -17.77
C VAL A 907 21.01 -6.27 -19.28
N VAL A 908 20.35 -5.27 -19.86
CA VAL A 908 20.19 -5.23 -21.31
C VAL A 908 21.54 -4.99 -21.98
N SER A 909 22.39 -4.17 -21.37
CA SER A 909 23.70 -3.92 -21.95
C SER A 909 24.52 -5.19 -22.05
N LEU A 910 24.47 -6.02 -21.00
CA LEU A 910 25.19 -7.29 -21.01
C LEU A 910 24.61 -8.29 -21.97
N THR A 911 23.43 -8.04 -22.53
CA THR A 911 22.78 -8.96 -23.47
C THR A 911 22.64 -10.35 -22.85
N GLN A 912 22.29 -10.39 -21.57
CA GLN A 912 22.13 -11.62 -20.82
C GLN A 912 20.70 -11.79 -20.31
N GLU A 913 19.71 -11.23 -21.00
CA GLU A 913 18.32 -11.37 -20.56
C GLU A 913 17.93 -12.85 -20.47
N GLN A 914 18.47 -13.68 -21.37
CA GLN A 914 18.15 -15.10 -21.32
C GLN A 914 18.57 -15.73 -20.00
N LYS A 915 19.72 -15.31 -19.47
CA LYS A 915 20.18 -15.85 -18.19
C LYS A 915 19.20 -15.52 -17.07
N PHE A 916 18.77 -14.27 -17.02
CA PHE A 916 17.81 -13.88 -15.98
C PHE A 916 16.48 -14.59 -16.16
N GLU A 917 16.07 -14.80 -17.41
CA GLU A 917 14.83 -15.54 -17.66
C GLU A 917 14.95 -16.99 -17.19
N HIS A 918 16.09 -17.62 -17.44
CA HIS A 918 16.31 -18.98 -16.94
C HIS A 918 16.27 -19.00 -15.42
N MET A 919 16.89 -18.01 -14.79
CA MET A 919 16.81 -17.89 -13.34
C MET A 919 15.37 -17.79 -12.89
N TYR A 920 14.57 -16.97 -13.57
CA TYR A 920 13.17 -16.79 -13.19
C TYR A 920 12.40 -18.10 -13.31
N ALA A 921 12.57 -18.80 -14.43
CA ALA A 921 11.88 -20.06 -14.63
C ALA A 921 12.28 -21.08 -13.57
N GLN A 922 13.57 -21.17 -13.28
CA GLN A 922 14.03 -22.11 -12.25
C GLN A 922 13.44 -21.76 -10.89
N SER A 923 13.44 -20.47 -10.54
CA SER A 923 12.91 -20.06 -9.26
C SER A 923 11.41 -20.28 -9.15
N LEU A 924 10.68 -20.19 -10.27
CA LEU A 924 9.24 -20.39 -10.24
C LEU A 924 8.85 -21.86 -10.31
N GLN A 925 9.72 -22.72 -10.83
CA GLN A 925 9.36 -24.13 -11.01
C GLN A 925 8.84 -24.75 -9.72
N VAL A 926 9.59 -24.62 -8.62
CA VAL A 926 9.18 -25.26 -7.38
C VAL A 926 7.86 -24.70 -6.86
N PRO A 927 7.67 -23.39 -6.74
CA PRO A 927 6.35 -22.88 -6.32
C PRO A 927 5.22 -23.35 -7.23
N TYR A 928 5.48 -23.57 -8.51
CA TYR A 928 4.44 -24.07 -9.42
C TYR A 928 3.88 -25.41 -8.96
N ARG A 929 4.76 -26.40 -8.77
CA ARG A 929 4.31 -27.70 -8.31
C ARG A 929 3.74 -27.61 -6.90
N ASN A 930 4.31 -26.75 -6.06
CA ASN A 930 3.72 -26.51 -4.74
C ASN A 930 2.28 -26.08 -4.88
N SER A 931 2.01 -25.16 -5.80
CA SER A 931 0.65 -24.68 -6.02
C SER A 931 -0.24 -25.79 -6.54
N LEU A 932 0.28 -26.64 -7.44
CA LEU A 932 -0.54 -27.74 -7.95
C LEU A 932 -0.96 -28.69 -6.83
N ARG A 933 0.00 -29.08 -5.98
CA ARG A 933 -0.33 -29.93 -4.85
C ARG A 933 -1.33 -29.24 -3.92
N LYS A 934 -1.10 -27.95 -3.67
CA LYS A 934 -2.03 -27.19 -2.85
C LYS A 934 -3.43 -27.17 -3.46
N ALA A 935 -3.51 -27.17 -4.78
CA ALA A 935 -4.81 -27.22 -5.45
C ALA A 935 -5.51 -28.53 -5.19
N HIS A 936 -4.77 -29.64 -5.34
CA HIS A 936 -5.34 -30.94 -4.98
C HIS A 936 -5.85 -30.93 -3.55
N ILE A 937 -5.06 -30.39 -2.61
CA ILE A 937 -5.47 -30.38 -1.21
C ILE A 937 -6.72 -29.54 -1.01
N PHE A 938 -6.77 -28.36 -1.63
CA PHE A 938 -7.94 -27.50 -1.48
C PHE A 938 -9.19 -28.18 -2.00
N GLY A 939 -9.09 -28.83 -3.17
CA GLY A 939 -10.23 -29.55 -3.69
C GLY A 939 -10.66 -30.67 -2.75
N ILE A 940 -9.69 -31.41 -2.21
CA ILE A 940 -10.03 -32.50 -1.30
C ILE A 940 -10.81 -31.96 -0.12
N THR A 941 -10.32 -30.90 0.52
CA THR A 941 -11.00 -30.38 1.70
C THR A 941 -12.39 -29.86 1.35
N PHE A 942 -12.52 -29.13 0.23
CA PHE A 942 -13.80 -28.56 -0.12
C PHE A 942 -14.85 -29.65 -0.37
N SER A 943 -14.51 -30.62 -1.23
CA SER A 943 -15.47 -31.67 -1.54
C SER A 943 -15.77 -32.52 -0.31
N PHE A 944 -14.74 -32.81 0.50
CA PHE A 944 -14.96 -33.60 1.70
C PHE A 944 -15.90 -32.89 2.66
N THR A 945 -15.74 -31.57 2.82
CA THR A 945 -16.65 -30.83 3.69
C THR A 945 -18.09 -30.91 3.17
N GLN A 946 -18.27 -30.69 1.86
CA GLN A 946 -19.62 -30.76 1.31
C GLN A 946 -20.24 -32.13 1.55
N ALA A 947 -19.53 -33.19 1.17
CA ALA A 947 -20.09 -34.53 1.29
C ALA A 947 -20.30 -34.91 2.75
N MET A 948 -19.40 -34.49 3.63
CA MET A 948 -19.56 -34.81 5.04
C MET A 948 -20.81 -34.17 5.60
N MET A 949 -21.05 -32.90 5.29
CA MET A 949 -22.29 -32.27 5.72
C MET A 949 -23.49 -33.07 5.23
N TYR A 950 -23.51 -33.38 3.94
CA TYR A 950 -24.75 -33.93 3.39
C TYR A 950 -24.98 -35.34 3.90
N PHE A 951 -23.92 -36.15 4.00
CA PHE A 951 -24.05 -37.50 4.52
C PHE A 951 -24.41 -37.50 6.00
N SER A 952 -23.92 -36.52 6.75
CA SER A 952 -24.38 -36.38 8.13
C SER A 952 -25.88 -36.13 8.16
N TYR A 953 -26.38 -35.27 7.27
CA TYR A 953 -27.81 -35.04 7.19
C TYR A 953 -28.55 -36.35 6.90
N ALA A 954 -28.07 -37.10 5.91
CA ALA A 954 -28.72 -38.36 5.54
C ALA A 954 -28.73 -39.35 6.71
N GLY A 955 -27.59 -39.48 7.40
CA GLY A 955 -27.53 -40.40 8.51
C GLY A 955 -28.43 -39.98 9.67
N CYS A 956 -28.52 -38.68 9.91
CA CYS A 956 -29.46 -38.19 10.92
C CYS A 956 -30.89 -38.56 10.53
N PHE A 957 -31.22 -38.41 9.24
CA PHE A 957 -32.56 -38.80 8.79
C PHE A 957 -32.80 -40.28 9.02
N ARG A 958 -31.82 -41.13 8.71
CA ARG A 958 -32.00 -42.56 8.89
C ARG A 958 -32.17 -42.92 10.37
N PHE A 959 -31.35 -42.31 11.23
CA PHE A 959 -31.45 -42.59 12.67
C PHE A 959 -32.79 -42.12 13.21
N GLY A 960 -33.27 -40.95 12.76
CA GLY A 960 -34.59 -40.51 13.16
C GLY A 960 -35.68 -41.44 12.70
N ALA A 961 -35.55 -41.98 11.48
CA ALA A 961 -36.50 -42.97 11.01
C ALA A 961 -36.50 -44.19 11.92
N TYR A 962 -35.32 -44.65 12.31
CA TYR A 962 -35.24 -45.78 13.23
C TYR A 962 -35.91 -45.47 14.55
N LEU A 963 -35.66 -44.27 15.09
CA LEU A 963 -36.25 -43.89 16.37
C LEU A 963 -37.77 -43.82 16.28
N VAL A 964 -38.29 -43.24 15.19
CA VAL A 964 -39.74 -43.08 15.06
C VAL A 964 -40.41 -44.43 14.84
N ALA A 965 -39.81 -45.30 14.03
CA ALA A 965 -40.39 -46.61 13.79
C ALA A 965 -40.60 -47.35 15.10
N HIS A 966 -39.63 -47.28 16.01
CA HIS A 966 -39.77 -47.89 17.32
C HIS A 966 -40.65 -47.07 18.26
N LYS A 967 -41.34 -46.04 17.75
CA LYS A 967 -42.20 -45.18 18.57
C LYS A 967 -41.43 -44.43 19.64
N LEU A 968 -40.13 -44.18 19.41
CA LEU A 968 -39.34 -43.45 20.38
C LEU A 968 -39.76 -42.00 20.47
N MET A 969 -39.95 -41.33 19.34
CA MET A 969 -40.34 -39.92 19.32
C MET A 969 -41.22 -39.68 18.10
N SER A 970 -42.19 -38.78 18.27
CA SER A 970 -43.08 -38.43 17.17
C SER A 970 -42.29 -37.80 16.04
N PHE A 971 -42.68 -38.11 14.79
CA PHE A 971 -41.96 -37.54 13.65
C PHE A 971 -41.94 -36.03 13.71
N GLU A 972 -42.99 -35.42 14.25
CA GLU A 972 -42.97 -33.97 14.43
C GLU A 972 -41.78 -33.57 15.29
N ASP A 973 -41.51 -34.34 16.35
CA ASP A 973 -40.34 -34.07 17.17
C ASP A 973 -39.05 -34.24 16.38
N VAL A 974 -38.99 -35.28 15.54
CA VAL A 974 -37.78 -35.51 14.74
C VAL A 974 -37.53 -34.32 13.81
N LEU A 975 -38.56 -33.91 13.09
CA LEU A 975 -38.43 -32.77 12.18
C LEU A 975 -38.06 -31.52 12.96
N LEU A 976 -38.70 -31.30 14.11
CA LEU A 976 -38.38 -30.12 14.92
C LEU A 976 -36.91 -30.12 15.32
N VAL A 977 -36.41 -31.23 15.85
CA VAL A 977 -35.04 -31.27 16.32
C VAL A 977 -34.07 -31.07 15.16
N PHE A 978 -34.29 -31.80 14.06
CA PHE A 978 -33.38 -31.70 12.93
C PHE A 978 -33.36 -30.30 12.36
N SER A 979 -34.54 -29.72 12.12
CA SER A 979 -34.62 -28.38 11.56
C SER A 979 -34.00 -27.37 12.52
N ALA A 980 -34.26 -27.50 13.82
CA ALA A 980 -33.68 -26.59 14.79
C ALA A 980 -32.16 -26.62 14.72
N VAL A 981 -31.57 -27.81 14.78
CA VAL A 981 -30.12 -27.92 14.79
C VAL A 981 -29.54 -27.37 13.50
N VAL A 982 -30.06 -27.82 12.36
CA VAL A 982 -29.48 -27.42 11.08
C VAL A 982 -29.63 -25.93 10.85
N PHE A 983 -30.82 -25.39 11.14
CA PHE A 983 -31.06 -23.98 10.90
C PHE A 983 -30.29 -23.11 11.88
N GLY A 984 -30.13 -23.53 13.13
CA GLY A 984 -29.27 -22.78 14.03
C GLY A 984 -27.84 -22.73 13.53
N ALA A 985 -27.31 -23.90 13.13
CA ALA A 985 -25.96 -23.93 12.59
C ALA A 985 -25.82 -23.01 11.39
N MET A 986 -26.76 -23.11 10.43
CA MET A 986 -26.68 -22.31 9.23
C MET A 986 -26.83 -20.82 9.53
N ALA A 987 -27.73 -20.47 10.44
CA ALA A 987 -27.92 -19.07 10.78
C ALA A 987 -26.67 -18.49 11.42
N VAL A 988 -26.03 -19.25 12.32
CA VAL A 988 -24.80 -18.75 12.93
C VAL A 988 -23.70 -18.66 11.90
N GLY A 989 -23.64 -19.62 10.96
CA GLY A 989 -22.63 -19.58 9.93
C GLY A 989 -22.81 -18.47 8.92
N GLN A 990 -24.04 -18.01 8.73
CA GLN A 990 -24.31 -16.91 7.81
C GLN A 990 -24.21 -15.55 8.49
N VAL A 991 -24.69 -15.43 9.72
CA VAL A 991 -24.64 -14.17 10.44
C VAL A 991 -23.26 -13.90 11.05
N SER A 992 -22.41 -14.93 11.16
CA SER A 992 -21.03 -14.70 11.57
C SER A 992 -20.23 -14.00 10.49
N SER A 993 -20.75 -13.93 9.26
CA SER A 993 -20.04 -13.25 8.18
C SER A 993 -20.19 -11.74 8.28
N PHE A 994 -21.33 -11.26 8.78
CA PHE A 994 -21.62 -9.83 8.75
C PHE A 994 -20.59 -9.03 9.54
N ALA A 995 -20.17 -9.54 10.70
CA ALA A 995 -19.32 -8.77 11.59
C ALA A 995 -17.99 -8.45 10.92
N PRO A 996 -17.35 -7.36 11.30
CA PRO A 996 -16.05 -7.01 10.71
C PRO A 996 -14.95 -7.97 11.13
N ASP A 997 -13.91 -8.04 10.30
CA ASP A 997 -12.78 -8.92 10.59
C ASP A 997 -12.17 -8.57 11.94
N TYR A 998 -12.30 -9.48 12.90
CA TYR A 998 -11.88 -9.18 14.27
C TYR A 998 -10.38 -9.02 14.40
N ALA A 999 -9.59 -9.64 13.52
CA ALA A 999 -8.14 -9.60 13.65
C ALA A 999 -7.60 -8.20 13.32
N LYS A 1000 -8.04 -7.62 12.20
CA LYS A 1000 -7.57 -6.28 11.85
C LYS A 1000 -7.96 -5.28 12.93
N ALA A 1001 -9.17 -5.39 13.45
CA ALA A 1001 -9.61 -4.52 14.52
C ALA A 1001 -8.76 -4.71 15.76
N LYS A 1002 -8.43 -5.97 16.09
CA LYS A 1002 -7.53 -6.24 17.21
C LYS A 1002 -6.21 -5.52 17.03
N ILE A 1003 -5.63 -5.63 15.83
CA ILE A 1003 -4.33 -4.99 15.57
C ILE A 1003 -4.44 -3.48 15.73
N SER A 1004 -5.49 -2.89 15.15
CA SER A 1004 -5.66 -1.45 15.22
C SER A 1004 -5.86 -0.98 16.66
N ALA A 1005 -6.67 -1.72 17.43
CA ALA A 1005 -6.90 -1.34 18.81
C ALA A 1005 -5.62 -1.41 19.63
N ALA A 1006 -4.83 -2.46 19.44
CA ALA A 1006 -3.55 -2.54 20.12
C ALA A 1006 -2.66 -1.37 19.74
N HIS A 1007 -2.62 -1.03 18.45
CA HIS A 1007 -1.78 0.08 17.99
C HIS A 1007 -2.21 1.39 18.64
N ILE A 1008 -3.52 1.61 18.75
CA ILE A 1008 -4.00 2.85 19.39
C ILE A 1008 -3.67 2.86 20.87
N ILE A 1009 -3.87 1.74 21.56
CA ILE A 1009 -3.55 1.72 22.99
C ILE A 1009 -2.06 1.96 23.18
N MET A 1010 -1.24 1.54 22.22
CA MET A 1010 0.18 1.85 22.27
C MET A 1010 0.41 3.36 22.11
N ILE A 1011 -0.20 3.96 21.08
CA ILE A 1011 0.08 5.36 20.78
C ILE A 1011 -0.44 6.27 21.88
N ILE A 1012 -1.62 5.97 22.43
CA ILE A 1012 -2.29 6.89 23.34
C ILE A 1012 -1.49 7.08 24.62
N GLU A 1013 -0.82 6.04 25.09
CA GLU A 1013 -0.12 6.08 26.37
C GLU A 1013 1.32 6.55 26.25
N LYS A 1014 1.78 6.90 25.05
CA LYS A 1014 3.17 7.32 24.85
C LYS A 1014 3.33 8.73 25.40
N THR A 1015 3.83 8.81 26.63
CA THR A 1015 4.03 10.12 27.25
C THR A 1015 5.26 10.80 26.64
N PRO A 1016 5.13 12.01 26.11
CA PRO A 1016 6.30 12.67 25.53
C PRO A 1016 7.34 13.02 26.58
N LEU A 1017 8.60 13.08 26.15
CA LEU A 1017 9.68 13.44 27.06
C LEU A 1017 9.48 14.85 27.60
N ILE A 1018 9.11 15.79 26.73
CA ILE A 1018 8.81 17.16 27.12
C ILE A 1018 7.31 17.21 27.42
N ASP A 1019 6.97 17.37 28.69
CA ASP A 1019 5.56 17.29 29.13
C ASP A 1019 4.85 18.57 28.71
N SER A 1020 4.43 18.61 27.44
CA SER A 1020 3.65 19.76 26.97
C SER A 1020 2.33 19.87 27.72
N TYR A 1021 1.65 18.75 27.92
CA TYR A 1021 0.37 18.78 28.63
C TYR A 1021 0.56 19.01 30.12
N SER A 1022 1.65 18.49 30.70
CA SER A 1022 1.87 18.64 32.12
C SER A 1022 2.07 20.10 32.49
N THR A 1023 1.63 20.45 33.72
CA THR A 1023 1.70 21.82 34.19
C THR A 1023 3.00 22.15 34.91
N GLU A 1024 3.92 21.19 35.05
CA GLU A 1024 5.15 21.45 35.78
C GLU A 1024 6.05 22.40 35.01
N GLY A 1025 6.87 23.14 35.75
CA GLY A 1025 7.81 24.07 35.19
C GLY A 1025 7.92 25.32 36.03
N LEU A 1026 8.57 26.33 35.47
CA LEU A 1026 8.75 27.63 36.13
C LEU A 1026 8.30 28.73 35.18
N MET A 1027 7.73 29.78 35.75
CA MET A 1027 7.16 30.89 34.99
C MET A 1027 7.74 32.20 35.50
N PRO A 1028 8.97 32.54 35.11
CA PRO A 1028 9.54 33.82 35.53
C PRO A 1028 8.71 35.00 35.06
N ASN A 1029 8.62 36.03 35.89
CA ASN A 1029 7.77 37.18 35.59
C ASN A 1029 8.38 38.04 34.49
N THR A 1030 9.69 38.29 34.56
CA THR A 1030 10.38 39.18 33.63
C THR A 1030 11.46 38.42 32.88
N LEU A 1031 11.64 38.80 31.62
CA LEU A 1031 12.62 38.17 30.74
C LEU A 1031 13.67 39.18 30.32
N GLU A 1032 14.93 38.74 30.29
CA GLU A 1032 16.05 39.57 29.90
C GLU A 1032 16.54 39.29 28.49
N GLY A 1033 16.57 38.02 28.09
CA GLY A 1033 16.99 37.67 26.75
C GLY A 1033 18.45 37.26 26.65
N ASN A 1034 18.88 36.36 27.55
CA ASN A 1034 20.24 35.86 27.56
C ASN A 1034 20.21 34.34 27.34
N VAL A 1035 21.14 33.86 26.53
CA VAL A 1035 21.24 32.44 26.20
C VAL A 1035 22.68 31.98 26.45
N THR A 1036 22.83 30.80 27.04
CA THR A 1036 24.15 30.26 27.35
C THR A 1036 24.10 28.74 27.26
N PHE A 1037 24.68 28.19 26.21
CA PHE A 1037 24.85 26.76 26.06
C PHE A 1037 26.33 26.43 26.11
N GLY A 1038 26.68 25.34 26.80
CA GLY A 1038 28.08 24.97 26.93
C GLY A 1038 28.28 23.48 27.10
N GLU A 1039 29.17 22.91 26.30
CA GLU A 1039 29.46 21.48 26.37
C GLU A 1039 28.20 20.65 26.12
N VAL A 1040 27.31 21.19 25.30
CA VAL A 1040 26.06 20.53 24.97
C VAL A 1040 26.28 19.73 23.68
N VAL A 1041 26.18 18.41 23.78
CA VAL A 1041 26.40 17.51 22.65
C VAL A 1041 25.10 16.76 22.39
N PHE A 1042 24.65 16.78 21.15
CA PHE A 1042 23.41 16.12 20.75
C PHE A 1042 23.61 15.40 19.42
N ASN A 1043 23.07 14.20 19.33
CA ASN A 1043 23.01 13.45 18.09
C ASN A 1043 21.55 13.18 17.76
N TYR A 1044 21.16 13.43 16.52
CA TYR A 1044 19.76 13.28 16.13
C TYR A 1044 19.35 11.83 16.31
N PRO A 1045 18.32 11.53 17.12
CA PRO A 1045 17.91 10.13 17.28
C PRO A 1045 17.51 9.46 15.98
N THR A 1046 17.25 10.24 14.91
CA THR A 1046 17.03 9.63 13.61
C THR A 1046 18.26 8.86 13.15
N ARG A 1047 19.45 9.43 13.38
CA ARG A 1047 20.73 8.77 13.09
C ARG A 1047 21.61 8.93 14.32
N PRO A 1048 21.37 8.13 15.37
CA PRO A 1048 22.14 8.31 16.61
C PRO A 1048 23.63 8.08 16.44
N ASP A 1049 24.06 7.33 15.42
CA ASP A 1049 25.48 7.08 15.24
C ASP A 1049 26.23 8.37 14.91
N ILE A 1050 25.62 9.24 14.09
CA ILE A 1050 26.29 10.46 13.63
C ILE A 1050 26.03 11.58 14.62
N PRO A 1051 27.07 12.13 15.28
CA PRO A 1051 26.87 13.29 16.13
C PRO A 1051 26.98 14.61 15.37
N VAL A 1052 25.95 15.44 15.44
CA VAL A 1052 25.98 16.75 14.79
C VAL A 1052 26.30 17.87 15.78
N LEU A 1053 25.99 17.70 17.06
CA LEU A 1053 26.39 18.62 18.11
C LEU A 1053 27.41 17.93 19.01
N GLN A 1054 28.54 18.59 19.22
CA GLN A 1054 29.69 17.99 19.89
C GLN A 1054 30.12 18.85 21.08
N GLY A 1055 29.16 19.19 21.93
CA GLY A 1055 29.45 19.99 23.10
C GLY A 1055 29.89 21.39 22.75
N LEU A 1056 29.17 22.01 21.83
CA LEU A 1056 29.52 23.35 21.37
C LEU A 1056 29.30 24.36 22.49
N SER A 1057 29.56 25.62 22.19
CA SER A 1057 29.42 26.69 23.16
C SER A 1057 28.81 27.91 22.47
N LEU A 1058 28.05 28.68 23.23
CA LEU A 1058 27.42 29.89 22.73
C LEU A 1058 26.92 30.71 23.92
N GLU A 1059 27.22 32.00 23.91
CA GLU A 1059 26.82 32.89 25.00
C GLU A 1059 26.43 34.23 24.40
N VAL A 1060 25.14 34.57 24.49
CA VAL A 1060 24.60 35.82 24.00
C VAL A 1060 23.91 36.53 25.16
N LYS A 1061 24.25 37.79 25.36
CA LYS A 1061 23.72 38.58 26.47
C LYS A 1061 22.52 39.39 26.00
N LYS A 1062 22.03 40.25 26.90
CA LYS A 1062 20.84 41.05 26.59
C LYS A 1062 21.09 41.94 25.39
N GLY A 1063 20.10 42.02 24.51
CA GLY A 1063 20.20 42.89 23.35
C GLY A 1063 21.39 42.61 22.46
N GLN A 1064 21.72 41.34 22.25
CA GLN A 1064 22.84 40.93 21.42
C GLN A 1064 22.32 40.27 20.16
N THR A 1065 22.56 40.89 19.02
CA THR A 1065 22.15 40.35 17.73
C THR A 1065 23.24 39.44 17.21
N LEU A 1066 22.93 38.15 17.07
CA LEU A 1066 23.90 37.13 16.70
C LEU A 1066 23.49 36.46 15.40
N ALA A 1067 24.50 36.02 14.64
CA ALA A 1067 24.28 35.30 13.40
C ALA A 1067 25.23 34.11 13.34
N LEU A 1068 24.81 33.08 12.60
CA LEU A 1068 25.59 31.86 12.44
C LEU A 1068 25.79 31.57 10.97
N VAL A 1069 26.99 31.11 10.63
CA VAL A 1069 27.36 30.77 9.26
C VAL A 1069 28.23 29.52 9.30
N GLY A 1070 28.55 29.02 8.11
CA GLY A 1070 29.41 27.85 7.99
C GLY A 1070 29.04 27.07 6.75
N SER A 1071 29.57 25.85 6.69
CA SER A 1071 29.27 24.96 5.58
C SER A 1071 27.80 24.54 5.62
N SER A 1072 27.20 24.45 4.44
CA SER A 1072 25.80 24.03 4.35
C SER A 1072 25.65 22.64 4.96
N GLY A 1073 24.62 22.50 5.80
CA GLY A 1073 24.43 21.25 6.51
C GLY A 1073 25.52 20.95 7.52
N CYS A 1074 26.35 21.93 7.86
CA CYS A 1074 27.43 21.77 8.82
C CYS A 1074 27.05 22.27 10.20
N GLY A 1075 25.78 22.16 10.58
CA GLY A 1075 25.32 22.63 11.87
C GLY A 1075 24.65 23.99 11.87
N LYS A 1076 24.51 24.63 10.70
CA LYS A 1076 23.80 25.90 10.65
C LYS A 1076 22.30 25.75 10.89
N SER A 1077 21.78 24.52 10.83
CA SER A 1077 20.35 24.27 10.95
C SER A 1077 19.95 23.80 12.35
N THR A 1078 20.58 22.73 12.84
CA THR A 1078 20.11 22.10 14.08
C THR A 1078 20.17 23.05 15.26
N VAL A 1079 20.97 24.10 15.19
CA VAL A 1079 21.10 25.03 16.32
C VAL A 1079 19.75 25.65 16.65
N VAL A 1080 19.02 26.09 15.63
CA VAL A 1080 17.73 26.73 15.87
C VAL A 1080 16.78 25.75 16.54
N GLN A 1081 16.73 24.50 16.05
CA GLN A 1081 15.89 23.50 16.68
C GLN A 1081 16.29 23.27 18.12
N LEU A 1082 17.59 23.30 18.42
CA LEU A 1082 18.04 23.22 19.79
C LEU A 1082 17.55 24.39 20.61
N LEU A 1083 17.40 25.56 19.98
CA LEU A 1083 16.88 26.73 20.68
C LEU A 1083 15.46 26.49 21.18
N GLU A 1084 14.62 25.89 20.35
CA GLU A 1084 13.21 25.68 20.67
C GLU A 1084 12.98 24.37 21.43
N ARG A 1085 14.04 23.75 21.94
CA ARG A 1085 13.95 22.53 22.74
C ARG A 1085 13.25 21.39 21.98
N PHE A 1086 13.13 21.49 20.66
CA PHE A 1086 12.56 20.40 19.90
C PHE A 1086 13.45 19.16 19.93
N TYR A 1087 14.72 19.34 20.32
CA TYR A 1087 15.64 18.22 20.48
C TYR A 1087 16.67 18.59 21.53
N ASP A 1088 16.53 18.03 22.72
CA ASP A 1088 17.44 18.34 23.81
C ASP A 1088 18.81 17.71 23.56
N PRO A 1089 19.84 18.20 24.25
CA PRO A 1089 21.19 17.68 24.00
C PRO A 1089 21.48 16.39 24.76
N LEU A 1090 22.32 15.56 24.16
CA LEU A 1090 22.66 14.27 24.76
C LEU A 1090 23.34 14.47 26.11
N ALA A 1091 24.30 15.40 26.16
CA ALA A 1091 24.95 15.75 27.41
C ALA A 1091 25.46 17.18 27.34
N GLY A 1092 25.49 17.85 28.49
CA GLY A 1092 25.94 19.22 28.58
C GLY A 1092 24.96 20.08 29.36
N LYS A 1093 25.19 21.39 29.29
CA LYS A 1093 24.42 22.37 30.04
C LYS A 1093 23.86 23.43 29.10
N VAL A 1094 22.60 23.82 29.35
CA VAL A 1094 21.92 24.84 28.58
C VAL A 1094 21.10 25.69 29.53
N LEU A 1095 21.14 27.01 29.34
CA LEU A 1095 20.41 27.94 30.18
C LEU A 1095 19.92 29.11 29.34
N LEU A 1096 18.76 29.65 29.72
CA LEU A 1096 18.21 30.87 29.14
C LEU A 1096 18.18 31.92 30.24
N ASP A 1097 19.00 32.96 30.11
CA ASP A 1097 19.12 33.99 31.14
C ASP A 1097 19.42 33.36 32.50
N GLY A 1098 20.30 32.37 32.49
CA GLY A 1098 20.65 31.65 33.71
C GLY A 1098 19.52 30.83 34.30
N LYS A 1099 18.71 30.20 33.46
CA LYS A 1099 17.64 29.32 33.90
C LYS A 1099 17.72 28.03 33.10
N GLU A 1100 17.75 26.89 33.80
CA GLU A 1100 17.87 25.59 33.16
C GLU A 1100 16.72 25.38 32.17
N ILE A 1101 17.05 25.27 30.88
CA ILE A 1101 16.02 25.13 29.86
C ILE A 1101 15.13 23.92 30.15
N LYS A 1102 15.72 22.85 30.67
CA LYS A 1102 14.92 21.70 31.08
C LYS A 1102 14.02 22.05 32.25
N ARG A 1103 14.56 22.76 33.25
CA ARG A 1103 13.77 23.11 34.43
C ARG A 1103 12.61 24.03 34.07
N LEU A 1104 12.83 24.99 33.19
CA LEU A 1104 11.80 25.97 32.87
C LEU A 1104 10.62 25.30 32.18
N ASN A 1105 9.44 25.87 32.39
CA ASN A 1105 8.23 25.33 31.80
C ASN A 1105 8.28 25.46 30.28
N VAL A 1106 7.86 24.39 29.59
CA VAL A 1106 7.90 24.40 28.13
C VAL A 1106 6.98 25.47 27.58
N GLN A 1107 5.77 25.60 28.14
CA GLN A 1107 4.80 26.55 27.60
C GLN A 1107 5.31 27.98 27.73
N TRP A 1108 5.84 28.33 28.91
CA TRP A 1108 6.31 29.70 29.13
C TRP A 1108 7.43 30.06 28.18
N LEU A 1109 8.44 29.19 28.07
CA LEU A 1109 9.56 29.47 27.17
C LEU A 1109 9.08 29.54 25.72
N ARG A 1110 8.21 28.62 25.32
CA ARG A 1110 7.72 28.63 23.94
C ARG A 1110 6.99 29.92 23.63
N ALA A 1111 6.15 30.39 24.56
CA ALA A 1111 5.45 31.65 24.35
C ALA A 1111 6.45 32.81 24.29
N HIS A 1112 7.47 32.78 25.13
CA HIS A 1112 8.42 33.88 25.18
C HIS A 1112 9.19 34.02 23.86
N LEU A 1113 9.61 32.91 23.28
CA LEU A 1113 10.45 32.94 22.09
C LEU A 1113 9.61 32.83 20.82
N GLY A 1114 10.26 33.08 19.69
CA GLY A 1114 9.61 32.94 18.40
C GLY A 1114 10.64 32.68 17.32
N ILE A 1115 10.19 32.02 16.25
CA ILE A 1115 11.09 31.62 15.17
C ILE A 1115 10.47 32.03 13.85
N VAL A 1116 11.33 32.09 12.82
CA VAL A 1116 10.92 32.35 11.45
C VAL A 1116 11.44 31.19 10.60
N SER A 1117 10.53 30.41 10.02
CA SER A 1117 10.93 29.21 9.31
C SER A 1117 11.54 29.56 7.96
N GLN A 1118 12.42 28.66 7.49
CA GLN A 1118 12.98 28.81 6.15
C GLN A 1118 11.91 28.56 5.09
N GLU A 1119 10.92 27.72 5.40
CA GLU A 1119 9.80 27.41 4.52
C GLU A 1119 8.53 27.78 5.28
N PRO A 1120 8.11 29.05 5.21
CA PRO A 1120 6.99 29.49 6.05
C PRO A 1120 5.72 28.72 5.77
N ILE A 1121 4.91 28.55 6.81
CA ILE A 1121 3.66 27.82 6.74
C ILE A 1121 2.54 28.75 7.19
N LEU A 1122 1.48 28.83 6.39
CA LEU A 1122 0.32 29.65 6.69
C LEU A 1122 -0.90 28.75 6.83
N PHE A 1123 -1.65 28.93 7.91
CA PHE A 1123 -2.84 28.14 8.14
C PHE A 1123 -3.87 28.41 7.04
N ASP A 1124 -4.60 27.36 6.65
CA ASP A 1124 -5.57 27.46 5.58
C ASP A 1124 -6.81 28.18 6.06
N CYS A 1125 -6.71 29.50 6.25
CA CYS A 1125 -7.83 30.31 6.69
C CYS A 1125 -7.62 31.73 6.18
N SER A 1126 -8.42 32.65 6.69
CA SER A 1126 -8.31 34.05 6.28
C SER A 1126 -6.99 34.63 6.77
N ILE A 1127 -6.50 35.63 6.02
CA ILE A 1127 -5.23 36.27 6.39
C ILE A 1127 -5.30 36.82 7.80
N ALA A 1128 -6.42 37.44 8.15
CA ALA A 1128 -6.59 37.93 9.52
C ALA A 1128 -6.53 36.79 10.53
N GLU A 1129 -7.21 35.68 10.22
CA GLU A 1129 -7.22 34.55 11.13
C GLU A 1129 -5.81 34.01 11.36
N ASN A 1130 -5.06 33.77 10.28
CA ASN A 1130 -3.71 33.26 10.41
C ASN A 1130 -2.82 34.24 11.15
N ILE A 1131 -2.95 35.54 10.86
CA ILE A 1131 -2.13 36.54 11.53
C ILE A 1131 -2.40 36.54 13.02
N ALA A 1132 -3.69 36.53 13.40
CA ALA A 1132 -4.03 36.48 14.82
C ALA A 1132 -3.59 35.17 15.45
N TYR A 1133 -3.46 34.11 14.64
CA TYR A 1133 -3.02 32.83 15.17
C TYR A 1133 -1.62 32.91 15.76
N GLY A 1134 -0.85 33.93 15.42
CA GLY A 1134 0.50 34.05 15.97
C GLY A 1134 0.54 33.94 17.48
N ASP A 1135 -0.52 34.38 18.15
CA ASP A 1135 -0.66 34.24 19.60
C ASP A 1135 -1.78 33.26 19.91
N ASN A 1136 -1.90 32.92 21.19
CA ASN A 1136 -2.93 32.01 21.67
C ASN A 1136 -3.65 32.64 22.85
N SER A 1137 -4.97 32.54 22.86
CA SER A 1137 -5.81 33.09 23.92
C SER A 1137 -5.67 34.60 24.07
N ARG A 1138 -5.06 35.25 23.08
CA ARG A 1138 -4.87 36.69 23.08
C ARG A 1138 -5.34 37.26 21.75
N VAL A 1139 -6.33 38.13 21.79
CA VAL A 1139 -6.90 38.71 20.59
C VAL A 1139 -6.08 39.95 20.20
N VAL A 1140 -5.72 40.03 18.93
CA VAL A 1140 -4.98 41.16 18.39
C VAL A 1140 -5.92 42.01 17.56
N SER A 1141 -5.98 43.30 17.86
CA SER A 1141 -6.89 44.19 17.16
C SER A 1141 -6.56 44.22 15.67
N GLN A 1142 -7.59 44.41 14.85
CA GLN A 1142 -7.36 44.52 13.40
C GLN A 1142 -6.37 45.62 13.08
N GLU A 1143 -6.32 46.67 13.91
CA GLU A 1143 -5.26 47.67 13.76
C GLU A 1143 -3.90 47.04 13.96
N GLU A 1144 -3.78 46.11 14.91
CA GLU A 1144 -2.54 45.37 15.07
C GLU A 1144 -2.23 44.56 13.80
N ILE A 1145 -3.25 43.97 13.20
CA ILE A 1145 -3.05 43.22 11.96
C ILE A 1145 -2.51 44.14 10.87
N VAL A 1146 -3.08 45.34 10.75
CA VAL A 1146 -2.63 46.28 9.73
C VAL A 1146 -1.19 46.72 10.01
N ARG A 1147 -0.88 46.99 11.28
CA ARG A 1147 0.48 47.39 11.63
C ARG A 1147 1.47 46.29 11.29
N ALA A 1148 1.13 45.03 11.60
CA ALA A 1148 2.01 43.93 11.27
C ALA A 1148 2.19 43.79 9.77
N ALA A 1149 1.09 43.92 9.01
CA ALA A 1149 1.19 43.84 7.55
C ALA A 1149 2.11 44.91 7.01
N LYS A 1150 1.98 46.14 7.52
CA LYS A 1150 2.88 47.21 7.10
C LYS A 1150 4.32 46.89 7.47
N GLU A 1151 4.54 46.37 8.67
CA GLU A 1151 5.90 46.01 9.09
C GLU A 1151 6.47 44.93 8.18
N ALA A 1152 5.61 44.10 7.60
CA ALA A 1152 6.03 43.05 6.68
C ALA A 1152 5.93 43.47 5.22
N ASN A 1153 5.59 44.73 4.95
CA ASN A 1153 5.41 45.31 3.63
C ASN A 1153 4.09 44.84 3.00
N ILE A 1154 3.21 44.21 3.77
CA ILE A 1154 1.95 43.68 3.24
C ILE A 1154 0.79 44.54 3.72
N HIS A 1155 1.08 45.81 4.02
CA HIS A 1155 0.00 46.74 4.39
C HIS A 1155 -0.97 46.92 3.24
N ALA A 1156 -0.44 47.14 2.03
CA ALA A 1156 -1.28 47.17 0.84
C ALA A 1156 -1.85 45.77 0.55
N PHE A 1157 -1.01 44.74 0.67
CA PHE A 1157 -1.48 43.38 0.45
C PHE A 1157 -2.58 43.02 1.44
N ILE A 1158 -2.45 43.46 2.69
CA ILE A 1158 -3.50 43.28 3.68
C ILE A 1158 -4.73 44.05 3.23
N GLU A 1159 -4.53 45.30 2.80
CA GLU A 1159 -5.62 46.16 2.36
C GLU A 1159 -6.47 45.46 1.31
N SER A 1160 -5.83 44.87 0.29
CA SER A 1160 -6.59 44.28 -0.80
C SER A 1160 -7.30 43.03 -0.33
N LEU A 1161 -6.55 41.94 -0.12
CA LEU A 1161 -6.96 40.81 0.72
C LEU A 1161 -8.47 40.64 0.68
N PRO A 1162 -9.05 40.24 -0.46
CA PRO A 1162 -10.50 40.41 -0.68
C PRO A 1162 -11.33 40.25 0.58
N ASN A 1163 -12.20 41.23 0.85
CA ASN A 1163 -12.92 41.39 2.10
C ASN A 1163 -12.01 41.91 3.21
N LYS A 1164 -10.92 42.60 2.84
CA LYS A 1164 -10.01 43.22 3.79
C LYS A 1164 -9.05 42.22 4.41
N TYR A 1165 -9.55 41.33 5.26
CA TYR A 1165 -8.73 40.35 5.95
C TYR A 1165 -9.42 38.98 5.92
N SER A 1166 -9.88 38.58 4.74
CA SER A 1166 -10.70 37.39 4.58
C SER A 1166 -10.09 36.34 3.66
N THR A 1167 -9.40 36.75 2.60
CA THR A 1167 -8.88 35.83 1.58
C THR A 1167 -8.37 34.53 2.19
N LYS A 1168 -8.88 33.40 1.71
CA LYS A 1168 -8.50 32.09 2.21
C LYS A 1168 -7.31 31.56 1.42
N VAL A 1169 -6.24 31.22 2.14
CA VAL A 1169 -5.04 30.71 1.48
C VAL A 1169 -5.32 29.33 0.91
N GLY A 1170 -4.59 28.99 -0.15
CA GLY A 1170 -4.68 27.67 -0.77
C GLY A 1170 -3.77 26.68 -0.08
N ASP A 1171 -3.66 25.51 -0.69
CA ASP A 1171 -2.81 24.43 -0.17
C ASP A 1171 -1.35 24.78 -0.43
N LYS A 1172 -0.57 24.91 0.63
CA LYS A 1172 0.84 25.30 0.56
C LYS A 1172 0.99 26.78 0.19
N GLY A 1173 0.00 27.59 0.54
CA GLY A 1173 0.08 29.02 0.28
C GLY A 1173 0.18 29.39 -1.19
N THR A 1174 -0.50 28.63 -2.06
CA THR A 1174 -0.45 28.92 -3.49
C THR A 1174 -1.25 30.16 -3.86
N GLN A 1175 -2.24 30.53 -3.05
CA GLN A 1175 -3.05 31.71 -3.38
C GLN A 1175 -2.20 32.96 -3.44
N LEU A 1176 -1.16 33.04 -2.61
CA LEU A 1176 -0.26 34.18 -2.57
C LEU A 1176 1.12 33.78 -3.09
N SER A 1177 1.93 34.80 -3.38
CA SER A 1177 3.28 34.57 -3.87
C SER A 1177 4.20 34.12 -2.74
N GLY A 1178 5.34 33.55 -3.12
CA GLY A 1178 6.29 33.09 -2.13
C GLY A 1178 6.81 34.21 -1.26
N GLY A 1179 7.19 35.33 -1.87
CA GLY A 1179 7.64 36.48 -1.09
C GLY A 1179 6.54 37.03 -0.21
N GLN A 1180 5.32 37.12 -0.74
CA GLN A 1180 4.19 37.56 0.06
C GLN A 1180 3.95 36.61 1.23
N LYS A 1181 4.07 35.30 0.99
CA LYS A 1181 3.92 34.34 2.06
C LYS A 1181 4.98 34.54 3.14
N GLN A 1182 6.23 34.77 2.72
CA GLN A 1182 7.29 35.00 3.70
C GLN A 1182 7.04 36.26 4.50
N ARG A 1183 6.58 37.33 3.85
CA ARG A 1183 6.25 38.55 4.57
C ARG A 1183 5.12 38.32 5.56
N ILE A 1184 4.09 37.57 5.15
CA ILE A 1184 2.97 37.29 6.03
C ILE A 1184 3.44 36.49 7.23
N ALA A 1185 4.31 35.50 7.01
CA ALA A 1185 4.83 34.71 8.12
C ALA A 1185 5.65 35.58 9.07
N ILE A 1186 6.47 36.48 8.52
CA ILE A 1186 7.25 37.37 9.36
C ILE A 1186 6.32 38.24 10.21
N ALA A 1187 5.26 38.76 9.59
CA ALA A 1187 4.30 39.56 10.34
C ALA A 1187 3.63 38.74 11.44
N ARG A 1188 3.27 37.49 11.13
CA ARG A 1188 2.65 36.63 12.13
C ARG A 1188 3.60 36.39 13.31
N ALA A 1189 4.87 36.15 13.01
CA ALA A 1189 5.84 35.96 14.08
C ALA A 1189 5.98 37.22 14.92
N LEU A 1190 6.01 38.39 14.28
CA LEU A 1190 6.16 39.64 15.02
C LEU A 1190 4.92 39.98 15.82
N VAL A 1191 3.76 39.47 15.42
CA VAL A 1191 2.51 39.85 16.09
C VAL A 1191 2.54 39.45 17.56
N ARG A 1192 2.98 38.23 17.84
CA ARG A 1192 3.02 37.75 19.22
C ARG A 1192 3.96 38.57 20.08
N GLN A 1193 4.88 39.32 19.48
CA GLN A 1193 5.82 40.15 20.22
C GLN A 1193 6.70 39.30 21.13
N PRO A 1194 7.40 38.31 20.58
CA PRO A 1194 8.35 37.54 21.41
C PRO A 1194 9.57 38.38 21.76
N HIS A 1195 10.16 38.05 22.92
CA HIS A 1195 11.38 38.72 23.35
C HIS A 1195 12.61 38.21 22.61
N ILE A 1196 12.53 37.05 21.97
CA ILE A 1196 13.64 36.49 21.20
C ILE A 1196 13.07 36.03 19.86
N LEU A 1197 13.76 36.39 18.78
CA LEU A 1197 13.33 36.03 17.43
C LEU A 1197 14.48 35.34 16.72
N LEU A 1198 14.21 34.15 16.19
CA LEU A 1198 15.19 33.35 15.47
C LEU A 1198 14.70 33.12 14.04
N LEU A 1199 15.45 33.63 13.07
CA LEU A 1199 15.15 33.45 11.66
C LEU A 1199 16.16 32.46 11.07
N ASP A 1200 15.64 31.43 10.41
CA ASP A 1200 16.46 30.39 9.80
C ASP A 1200 16.17 30.39 8.31
N GLU A 1201 17.16 30.79 7.50
CA GLU A 1201 17.00 30.91 6.06
C GLU A 1201 15.79 31.77 5.71
N ALA A 1202 15.54 32.81 6.51
CA ALA A 1202 14.42 33.71 6.23
C ALA A 1202 14.54 34.32 4.85
N THR A 1203 15.76 34.48 4.35
CA THR A 1203 16.00 34.95 2.99
C THR A 1203 16.05 33.81 1.98
N SER A 1204 15.46 32.66 2.31
CA SER A 1204 15.47 31.52 1.40
C SER A 1204 14.84 31.88 0.05
N ALA A 1205 13.90 32.83 0.05
CA ALA A 1205 13.30 33.29 -1.19
C ALA A 1205 12.81 34.71 -0.96
N LEU A 1206 13.59 35.69 -1.41
CA LEU A 1206 13.24 37.09 -1.22
C LEU A 1206 13.84 37.92 -2.34
N ASP A 1207 13.23 39.08 -2.58
CA ASP A 1207 13.73 40.06 -3.52
C ASP A 1207 14.40 41.20 -2.77
N THR A 1208 14.95 42.14 -3.53
CA THR A 1208 15.66 43.26 -2.93
C THR A 1208 14.73 44.04 -1.99
N GLU A 1209 13.57 44.45 -2.49
CA GLU A 1209 12.70 45.31 -1.70
C GLU A 1209 12.15 44.58 -0.48
N SER A 1210 11.57 43.39 -0.68
CA SER A 1210 10.94 42.68 0.42
C SER A 1210 11.97 42.25 1.46
N GLU A 1211 13.07 41.66 1.01
CA GLU A 1211 14.11 41.23 1.95
C GLU A 1211 14.70 42.41 2.69
N LYS A 1212 14.94 43.52 1.97
CA LYS A 1212 15.48 44.71 2.62
C LYS A 1212 14.52 45.23 3.69
N VAL A 1213 13.24 45.31 3.37
CA VAL A 1213 12.26 45.80 4.33
C VAL A 1213 12.23 44.90 5.55
N VAL A 1214 12.21 43.58 5.33
CA VAL A 1214 12.13 42.65 6.46
C VAL A 1214 13.35 42.79 7.36
N GLN A 1215 14.54 42.80 6.75
CA GLN A 1215 15.76 42.89 7.55
C GLN A 1215 15.84 44.22 8.28
N GLU A 1216 15.48 45.32 7.63
CA GLU A 1216 15.52 46.62 8.28
C GLU A 1216 14.56 46.68 9.45
N ALA A 1217 13.33 46.17 9.26
CA ALA A 1217 12.37 46.17 10.35
C ALA A 1217 12.86 45.32 11.52
N LEU A 1218 13.41 44.15 11.23
CA LEU A 1218 13.93 43.29 12.29
C LEU A 1218 15.05 43.98 13.04
N ASP A 1219 15.97 44.60 12.32
CA ASP A 1219 17.09 45.28 12.97
C ASP A 1219 16.60 46.44 13.83
N LYS A 1220 15.69 47.25 13.30
CA LYS A 1220 15.19 48.41 14.04
C LYS A 1220 14.38 47.99 15.26
N ALA A 1221 13.72 46.84 15.22
CA ALA A 1221 13.00 46.30 16.37
C ALA A 1221 13.84 45.29 17.14
N ARG A 1222 15.08 45.06 16.73
CA ARG A 1222 15.94 44.12 17.44
C ARG A 1222 16.20 44.59 18.87
N GLU A 1223 16.40 45.90 19.05
CA GLU A 1223 16.67 46.42 20.39
C GLU A 1223 15.56 46.04 21.35
N GLY A 1224 15.94 45.65 22.56
CA GLY A 1224 15.00 45.14 23.52
C GLY A 1224 14.68 43.67 23.37
N ARG A 1225 15.24 42.99 22.38
CA ARG A 1225 14.99 41.57 22.15
C ARG A 1225 16.23 40.95 21.54
N THR A 1226 16.33 39.63 21.67
CA THR A 1226 17.43 38.87 21.09
C THR A 1226 17.11 38.52 19.66
N CYS A 1227 18.12 38.58 18.79
CA CYS A 1227 17.95 38.30 17.37
C CYS A 1227 18.97 37.25 16.95
N ILE A 1228 18.50 36.17 16.35
CA ILE A 1228 19.35 35.11 15.81
C ILE A 1228 19.03 34.96 14.33
N VAL A 1229 20.08 34.92 13.51
CA VAL A 1229 19.92 34.86 12.06
C VAL A 1229 20.78 33.72 11.52
N ILE A 1230 20.20 32.90 10.66
CA ILE A 1230 20.91 31.82 9.99
C ILE A 1230 20.60 31.95 8.51
N ALA A 1231 21.49 32.59 7.77
CA ALA A 1231 21.30 32.81 6.34
C ALA A 1231 22.67 32.95 5.69
N HIS A 1232 22.67 33.29 4.40
CA HIS A 1232 23.89 33.43 3.62
C HIS A 1232 24.19 34.87 3.23
N ARG A 1233 23.60 35.83 3.93
CA ARG A 1233 23.78 37.25 3.62
C ARG A 1233 24.93 37.80 4.45
N LEU A 1234 26.12 37.88 3.85
CA LEU A 1234 27.27 38.45 4.55
C LEU A 1234 27.01 39.91 4.91
N SER A 1235 26.45 40.68 3.99
CA SER A 1235 26.12 42.07 4.28
C SER A 1235 25.13 42.15 5.44
N THR A 1236 24.15 41.24 5.47
CA THR A 1236 23.20 41.22 6.58
C THR A 1236 23.92 40.98 7.90
N ILE A 1237 24.86 40.04 7.92
CA ILE A 1237 25.65 39.80 9.13
C ILE A 1237 26.53 41.00 9.45
N GLN A 1238 26.81 41.86 8.46
CA GLN A 1238 27.64 43.03 8.71
C GLN A 1238 27.08 43.86 9.86
N ASN A 1239 25.77 44.13 9.84
CA ASN A 1239 25.14 44.83 10.95
C ASN A 1239 24.95 43.93 12.17
N ALA A 1240 25.09 42.62 12.01
CA ALA A 1240 24.96 41.71 13.14
C ALA A 1240 26.00 42.04 14.21
N ASP A 1241 25.54 42.06 15.47
CA ASP A 1241 26.44 42.37 16.57
C ASP A 1241 27.57 41.33 16.67
N LEU A 1242 27.24 40.06 16.51
CA LEU A 1242 28.22 38.99 16.60
C LEU A 1242 27.94 37.96 15.49
N ILE A 1243 29.01 37.38 14.97
CA ILE A 1243 28.94 36.36 13.94
C ILE A 1243 29.76 35.16 14.39
N VAL A 1244 29.19 33.97 14.26
CA VAL A 1244 29.85 32.74 14.68
C VAL A 1244 29.84 31.76 13.51
N VAL A 1245 30.94 31.03 13.35
CA VAL A 1245 31.11 30.07 12.26
C VAL A 1245 31.13 28.67 12.87
N PHE A 1246 30.33 27.77 12.30
CA PHE A 1246 30.23 26.39 12.76
C PHE A 1246 30.86 25.49 11.72
N GLN A 1247 31.98 24.87 12.08
CA GLN A 1247 32.68 23.92 11.23
C GLN A 1247 32.44 22.53 11.79
N ASN A 1248 31.70 21.71 11.05
CA ASN A 1248 31.45 20.32 11.41
C ASN A 1248 30.96 20.21 12.86
N GLY A 1249 30.06 21.10 13.24
CA GLY A 1249 29.47 21.04 14.57
C GLY A 1249 30.31 21.59 15.68
N ARG A 1250 31.36 22.36 15.36
CA ARG A 1250 32.20 22.99 16.37
C ARG A 1250 32.29 24.49 16.09
N VAL A 1251 32.23 25.30 17.14
CA VAL A 1251 32.27 26.75 16.99
C VAL A 1251 33.72 27.13 16.68
N LYS A 1252 34.02 27.28 15.39
CA LYS A 1252 35.40 27.53 14.96
C LYS A 1252 35.74 29.02 15.01
N GLU A 1253 34.99 29.83 14.26
CA GLU A 1253 35.22 31.26 14.16
C GLU A 1253 34.05 32.01 14.80
N HIS A 1254 34.33 32.71 15.89
CA HIS A 1254 33.32 33.47 16.61
C HIS A 1254 33.89 34.83 16.99
N GLY A 1255 33.09 35.87 16.80
CA GLY A 1255 33.51 37.21 17.14
C GLY A 1255 32.87 38.21 16.19
N THR A 1256 33.31 39.46 16.33
CA THR A 1256 32.76 40.54 15.51
C THR A 1256 33.21 40.37 14.06
N HIS A 1257 32.48 41.05 13.16
CA HIS A 1257 32.81 41.01 11.74
C HIS A 1257 34.21 41.55 11.50
N GLN A 1258 34.55 42.68 12.13
CA GLN A 1258 35.88 43.24 11.97
C GLN A 1258 36.95 42.29 12.50
N GLN A 1259 36.69 41.68 13.67
CA GLN A 1259 37.64 40.72 14.21
C GLN A 1259 37.80 39.52 13.28
N LEU A 1260 36.68 39.02 12.74
CA LEU A 1260 36.75 37.87 11.84
C LEU A 1260 37.55 38.21 10.58
N LEU A 1261 37.34 39.41 10.02
CA LEU A 1261 38.09 39.81 8.84
C LEU A 1261 39.56 40.01 9.14
N ALA A 1262 39.89 40.55 10.32
CA ALA A 1262 41.28 40.78 10.66
C ALA A 1262 42.05 39.48 10.76
N GLN A 1263 41.51 38.50 11.48
CA GLN A 1263 42.11 37.19 11.58
C GLN A 1263 41.61 36.33 10.42
N LYS A 1264 42.49 36.09 9.45
CA LYS A 1264 42.11 35.35 8.26
C LYS A 1264 41.86 33.88 8.61
N GLY A 1265 40.88 33.29 7.94
CA GLY A 1265 40.53 31.90 8.18
C GLY A 1265 39.35 31.46 7.35
N ILE A 1266 38.50 30.58 7.91
CA ILE A 1266 37.32 30.12 7.18
C ILE A 1266 36.44 31.31 6.80
N TYR A 1267 36.27 32.26 7.71
CA TYR A 1267 35.47 33.44 7.41
C TYR A 1267 36.09 34.24 6.27
N PHE A 1268 37.42 34.38 6.27
CA PHE A 1268 38.09 35.11 5.21
C PHE A 1268 37.80 34.49 3.85
N SER A 1269 37.96 33.17 3.73
CA SER A 1269 37.70 32.50 2.46
C SER A 1269 36.24 32.60 2.07
N MET A 1270 35.33 32.43 3.03
CA MET A 1270 33.90 32.51 2.73
C MET A 1270 33.54 33.89 2.18
N VAL A 1271 34.06 34.94 2.81
CA VAL A 1271 33.77 36.30 2.35
C VAL A 1271 34.41 36.54 0.98
N SER A 1272 35.68 36.13 0.82
CA SER A 1272 36.40 36.40 -0.42
C SER A 1272 35.88 35.60 -1.60
N VAL A 1273 35.14 34.52 -1.35
CA VAL A 1273 34.51 33.79 -2.45
C VAL A 1273 33.63 34.71 -3.27
N GLN A 1274 33.11 35.78 -2.66
CA GLN A 1274 32.35 36.80 -3.37
C GLN A 1274 33.22 37.97 -3.82
N ALA A 1275 34.53 37.90 -3.62
CA ALA A 1275 35.41 38.99 -4.02
C ALA A 1275 35.52 39.05 -5.54
N GLY A 1276 35.66 40.26 -6.06
CA GLY A 1276 35.76 40.48 -7.49
C GLY A 1276 36.94 39.77 -8.12
#